data_7CAZ
#
_entry.id   7CAZ
#
_cell.length_a   78.611
_cell.length_b   100.039
_cell.length_c   120.169
_cell.angle_alpha   90.000
_cell.angle_beta   90.000
_cell.angle_gamma   90.000
#
_symmetry.space_group_name_H-M   'P 21 21 21'
#
loop_
_entity.id
_entity.type
_entity.pdbx_description
1 polymer '3-oxoacyl-[acyl-carrier-protein] reductase'
2 non-polymer GLYCEROL
3 water water
#
_entity_poly.entity_id   1
_entity_poly.type   'polypeptide(L)'
_entity_poly.pdbx_seq_one_letter_code
;MTQERKVALVTGASRGIGAAIAQQLIQDGYFVVGTATSESGAQKLTDSFGEQGAGLALDVRNLDEIEAVVSHIEQNYGPV
LVLVNNAGITKDNLLLRMSEDDWDDILNIHLKAVYRLSKRVLKGMTKARFGRIINISSVVAHFANPGQANYSAAKAGIEA
FSRSLAKEMGSRQITVNSVAPGFIATEMTDALSEDIRKKMSDQVALNRLGEPQDIANAVSFLASDKAGYITGTVLHVNGG
LYMA
;
_entity_poly.pdbx_strand_id   A,B,C,D
#
# COMPACT_ATOMS: atom_id res chain seq x y z
N ARG A 5 13.87 14.41 33.79
CA ARG A 5 12.98 14.22 32.66
C ARG A 5 13.58 13.23 31.65
N LYS A 6 12.76 12.49 30.90
CA LYS A 6 13.32 11.72 29.79
C LYS A 6 13.87 12.66 28.73
N VAL A 7 14.96 12.24 28.07
CA VAL A 7 15.64 13.07 27.08
C VAL A 7 15.13 12.70 25.68
N ALA A 8 14.78 13.74 24.91
CA ALA A 8 14.46 13.62 23.50
C ALA A 8 15.51 14.35 22.68
N LEU A 9 15.95 13.73 21.59
CA LEU A 9 16.89 14.34 20.65
C LEU A 9 16.15 14.63 19.34
N VAL A 10 16.13 15.90 18.95
CA VAL A 10 15.45 16.35 17.72
C VAL A 10 16.50 16.96 16.81
N THR A 11 16.79 16.30 15.69
CA THR A 11 17.78 16.88 14.78
C THR A 11 17.12 17.96 13.91
N GLY A 12 17.91 18.96 13.53
CA GLY A 12 17.42 20.05 12.70
C GLY A 12 16.30 20.85 13.33
N ALA A 13 16.48 21.32 14.57
CA ALA A 13 15.41 21.93 15.35
C ALA A 13 15.38 23.45 15.21
N SER A 14 16.18 24.04 14.32
CA SER A 14 16.31 25.49 14.31
C SER A 14 14.97 26.18 13.95
N ARG A 15 14.25 25.69 12.94
CA ARG A 15 13.03 26.31 12.39
C ARG A 15 12.08 25.29 11.80
N GLY A 16 10.93 25.80 11.37
CA GLY A 16 9.95 24.97 10.67
C GLY A 16 9.51 23.79 11.53
N ILE A 17 9.45 22.63 10.87
CA ILE A 17 8.91 21.42 11.50
C ILE A 17 9.77 21.01 12.70
N GLY A 18 11.09 21.05 12.54
CA GLY A 18 11.97 20.66 13.64
C GLY A 18 11.77 21.53 14.88
N ALA A 19 11.66 22.85 14.70
CA ALA A 19 11.44 23.74 15.83
C ALA A 19 10.11 23.47 16.52
N ALA A 20 9.05 23.27 15.73
CA ALA A 20 7.74 22.99 16.31
C ALA A 20 7.76 21.68 17.08
N ILE A 21 8.44 20.66 16.54
CA ILE A 21 8.54 19.38 17.24
C ILE A 21 9.24 19.57 18.58
N ALA A 22 10.37 20.28 18.57
CA ALA A 22 11.16 20.45 19.80
C ALA A 22 10.34 21.19 20.86
N GLN A 23 9.66 22.27 20.46
CA GLN A 23 8.85 23.02 21.42
C GLN A 23 7.69 22.18 21.96
N GLN A 24 7.07 21.38 21.09
CA GLN A 24 5.95 20.54 21.55
C GLN A 24 6.42 19.47 22.53
N LEU A 25 7.55 18.82 22.24
CA LEU A 25 8.05 17.79 23.16
C LEU A 25 8.43 18.40 24.51
N ILE A 26 8.91 19.66 24.52
CA ILE A 26 9.13 20.34 25.80
C ILE A 26 7.81 20.51 26.55
N GLN A 27 6.78 20.99 25.85
CA GLN A 27 5.46 21.10 26.47
C GLN A 27 4.98 19.76 27.01
N ASP A 28 5.30 18.66 26.31
CA ASP A 28 4.90 17.33 26.74
C ASP A 28 5.66 16.83 27.98
N GLY A 29 6.74 17.48 28.35
CA GLY A 29 7.50 17.08 29.53
C GLY A 29 8.85 16.47 29.26
N TYR A 30 9.30 16.42 28.02
CA TYR A 30 10.63 15.92 27.73
C TYR A 30 11.67 17.02 27.92
N PHE A 31 12.89 16.60 28.26
CA PHE A 31 14.06 17.48 28.12
C PHE A 31 14.57 17.32 26.70
N VAL A 32 14.55 18.39 25.92
CA VAL A 32 14.80 18.30 24.49
C VAL A 32 16.19 18.82 24.16
N VAL A 33 17.03 17.98 23.59
CA VAL A 33 18.25 18.41 22.93
C VAL A 33 17.91 18.59 21.45
N GLY A 34 18.00 19.82 20.96
CA GLY A 34 17.82 20.12 19.55
C GLY A 34 19.16 20.37 18.89
N THR A 35 19.31 19.99 17.62
CA THR A 35 20.56 20.23 16.93
C THR A 35 20.39 21.27 15.82
N ALA A 36 21.46 22.02 15.58
CA ALA A 36 21.56 22.99 14.53
C ALA A 36 22.82 22.73 13.72
N THR A 37 22.89 23.36 12.54
CA THR A 37 24.02 23.15 11.65
C THR A 37 25.28 23.95 12.05
N SER A 38 25.20 24.83 13.05
CA SER A 38 26.34 25.66 13.43
C SER A 38 26.31 25.92 14.92
N GLU A 39 27.44 26.43 15.45
CA GLU A 39 27.48 26.72 16.88
C GLU A 39 26.54 27.87 17.24
N SER A 40 26.48 28.90 16.40
CA SER A 40 25.58 30.02 16.68
C SER A 40 24.13 29.55 16.62
N GLY A 41 23.81 28.66 15.68
CA GLY A 41 22.48 28.06 15.66
C GLY A 41 22.18 27.28 16.92
N ALA A 42 23.16 26.52 17.41
CA ALA A 42 22.96 25.74 18.63
C ALA A 42 22.76 26.66 19.83
N GLN A 43 23.51 27.76 19.90
CA GLN A 43 23.32 28.70 21.02
C GLN A 43 21.92 29.28 21.01
N LYS A 44 21.40 29.59 19.82
CA LYS A 44 20.04 30.08 19.77
C LYS A 44 19.06 29.05 20.32
N LEU A 45 19.27 27.78 20.02
CA LEU A 45 18.41 26.73 20.57
C LEU A 45 18.54 26.68 22.09
N THR A 46 19.79 26.73 22.59
CA THR A 46 20.01 26.76 24.04
C THR A 46 19.25 27.92 24.67
N ASP A 47 19.35 29.12 24.08
CA ASP A 47 18.62 30.27 24.61
C ASP A 47 17.12 30.02 24.64
N SER A 48 16.59 29.46 23.56
CA SER A 48 15.15 29.25 23.47
C SER A 48 14.67 28.20 24.47
N PHE A 49 15.42 27.11 24.65
CA PHE A 49 14.92 26.00 25.47
C PHE A 49 15.08 26.26 26.98
N GLY A 50 16.06 27.06 27.36
CA GLY A 50 16.30 27.30 28.77
C GLY A 50 16.57 26.03 29.57
N GLU A 51 15.94 25.97 30.75
CA GLU A 51 15.95 24.86 31.71
C GLU A 51 15.54 23.53 31.12
N GLN A 52 14.75 23.53 30.04
CA GLN A 52 14.09 22.32 29.58
C GLN A 52 14.68 21.77 28.30
N GLY A 53 15.84 22.26 27.89
CA GLY A 53 16.55 21.61 26.80
C GLY A 53 17.94 22.17 26.65
N ALA A 54 18.55 21.83 25.52
CA ALA A 54 19.89 22.27 25.18
C ALA A 54 20.04 22.23 23.66
N GLY A 55 20.89 23.09 23.14
CA GLY A 55 21.21 23.12 21.72
C GLY A 55 22.64 22.59 21.50
N LEU A 56 22.80 21.79 20.44
CA LEU A 56 24.12 21.29 20.05
C LEU A 56 24.29 21.39 18.54
N ALA A 57 25.51 21.65 18.12
CA ALA A 57 25.80 21.69 16.69
C ALA A 57 26.05 20.27 16.18
N LEU A 58 25.50 19.95 15.03
CA LEU A 58 25.62 18.59 14.50
C LEU A 58 25.49 18.64 12.98
N ASP A 59 26.52 18.15 12.29
CA ASP A 59 26.43 17.83 10.87
C ASP A 59 26.05 16.35 10.77
N VAL A 60 24.80 16.05 10.40
CA VAL A 60 24.34 14.66 10.40
C VAL A 60 25.00 13.79 9.34
N ARG A 61 25.83 14.38 8.46
CA ARG A 61 26.60 13.59 7.51
C ARG A 61 27.83 12.96 8.12
N ASN A 62 28.13 13.33 9.37
CA ASN A 62 29.40 13.02 10.05
C ASN A 62 29.19 11.99 11.14
N LEU A 63 29.70 10.77 10.95
CA LEU A 63 29.56 9.74 12.00
C LEU A 63 30.25 10.16 13.30
N ASP A 64 31.45 10.76 13.20
CA ASP A 64 32.18 11.19 14.40
C ASP A 64 31.39 12.21 15.21
N GLU A 65 30.70 13.14 14.53
CA GLU A 65 29.90 14.13 15.24
C GLU A 65 28.65 13.51 15.85
N ILE A 66 28.00 12.60 15.11
CA ILE A 66 26.87 11.86 15.66
C ILE A 66 27.25 11.19 16.97
N GLU A 67 28.42 10.54 16.98
CA GLU A 67 28.87 9.80 18.17
C GLU A 67 29.21 10.77 19.30
N ALA A 68 29.88 11.85 18.95
CA ALA A 68 30.24 12.84 19.96
C ALA A 68 29.00 13.50 20.57
N VAL A 69 27.99 13.77 19.75
CA VAL A 69 26.78 14.43 20.26
C VAL A 69 26.01 13.50 21.19
N VAL A 70 25.80 12.24 20.78
CA VAL A 70 25.03 11.35 21.65
C VAL A 70 25.81 11.09 22.94
N SER A 71 27.13 10.92 22.83
CA SER A 71 27.92 10.70 24.04
C SER A 71 27.81 11.88 24.98
N HIS A 72 27.87 13.10 24.43
CA HIS A 72 27.71 14.31 25.23
C HIS A 72 26.36 14.34 25.94
N ILE A 73 25.29 13.96 25.23
CA ILE A 73 23.97 13.93 25.88
C ILE A 73 23.94 12.91 27.00
N GLU A 74 24.51 11.72 26.77
CA GLU A 74 24.52 10.67 27.77
C GLU A 74 25.28 11.12 29.01
N GLN A 75 26.41 11.81 28.82
CA GLN A 75 27.23 12.24 29.94
C GLN A 75 26.59 13.35 30.76
N ASN A 76 25.86 14.26 30.10
CA ASN A 76 25.36 15.45 30.77
C ASN A 76 23.87 15.42 31.11
N TYR A 77 23.05 14.67 30.39
CA TYR A 77 21.61 14.79 30.60
C TYR A 77 20.91 13.46 30.85
N GLY A 78 21.31 12.40 30.16
CA GLY A 78 20.67 11.11 30.31
C GLY A 78 20.61 10.39 28.97
N PRO A 79 20.10 9.16 28.98
CA PRO A 79 20.00 8.40 27.72
C PRO A 79 18.97 9.02 26.79
N VAL A 80 19.23 8.93 25.49
CA VAL A 80 18.28 9.42 24.50
C VAL A 80 17.14 8.39 24.42
N LEU A 81 15.96 8.77 24.89
CA LEU A 81 14.83 7.84 24.89
C LEU A 81 13.78 8.17 23.83
N VAL A 82 13.78 9.39 23.28
CA VAL A 82 12.99 9.74 22.11
C VAL A 82 13.96 10.34 21.08
N LEU A 83 14.01 9.74 19.89
CA LEU A 83 14.87 10.23 18.81
C LEU A 83 13.96 10.64 17.67
N VAL A 84 14.05 11.89 17.26
CA VAL A 84 13.31 12.38 16.09
C VAL A 84 14.32 12.73 15.00
N ASN A 85 14.38 11.91 13.96
CA ASN A 85 15.27 12.19 12.81
C ASN A 85 14.54 13.12 11.84
N ASN A 86 14.97 14.37 11.78
CA ASN A 86 14.28 15.40 11.00
C ASN A 86 15.25 16.05 10.01
N ALA A 87 15.04 15.80 8.72
CA ALA A 87 15.81 16.45 7.67
C ALA A 87 14.86 16.85 6.55
N GLY A 88 15.12 18.02 5.96
CA GLY A 88 14.30 18.47 4.85
C GLY A 88 15.04 18.94 3.62
N ILE A 89 16.38 18.89 3.60
CA ILE A 89 17.14 19.42 2.47
C ILE A 89 16.83 18.62 1.20
N THR A 90 16.70 19.32 0.08
CA THR A 90 16.45 18.70 -1.21
C THR A 90 17.55 19.10 -2.18
N LYS A 91 17.79 18.22 -3.17
CA LYS A 91 18.65 18.53 -4.32
C LYS A 91 17.96 17.93 -5.53
N ASP A 92 16.80 18.52 -5.88
CA ASP A 92 15.97 18.03 -6.98
C ASP A 92 16.66 18.23 -8.33
N ASN A 93 16.33 17.35 -9.27
CA ASN A 93 16.81 17.41 -10.66
C ASN A 93 16.21 16.24 -11.43
N LEU A 94 15.79 16.46 -12.68
CA LEU A 94 15.54 15.33 -13.57
C LEU A 94 16.77 14.42 -13.62
N LEU A 95 16.55 13.11 -13.82
CA LEU A 95 17.63 12.15 -13.65
C LEU A 95 18.86 12.49 -14.50
N LEU A 96 18.73 13.00 -15.75
CA LEU A 96 20.00 13.26 -16.46
C LEU A 96 20.80 14.37 -15.81
N ARG A 97 20.11 15.25 -15.10
CA ARG A 97 20.87 16.34 -14.51
C ARG A 97 21.20 16.07 -13.05
N MET A 98 20.88 14.90 -12.53
CA MET A 98 21.09 14.60 -11.12
C MET A 98 22.49 14.01 -10.94
N SER A 99 23.39 14.79 -10.33
CA SER A 99 24.78 14.38 -10.24
C SER A 99 24.98 13.33 -9.16
N GLU A 100 26.16 12.69 -9.22
CA GLU A 100 26.58 11.81 -8.13
C GLU A 100 26.47 12.50 -6.79
N ASP A 101 26.95 13.74 -6.69
CA ASP A 101 26.90 14.42 -5.41
C ASP A 101 25.47 14.73 -4.98
N ASP A 102 24.56 15.11 -5.91
CA ASP A 102 23.16 15.34 -5.59
C ASP A 102 22.51 14.06 -5.04
N TRP A 103 22.84 12.92 -5.64
CA TRP A 103 22.35 11.64 -5.14
C TRP A 103 22.94 11.34 -3.77
N ASP A 104 24.28 11.34 -3.67
CA ASP A 104 24.94 10.86 -2.46
C ASP A 104 24.60 11.71 -1.26
N ASP A 105 24.57 13.03 -1.45
CA ASP A 105 24.37 13.93 -0.30
C ASP A 105 22.97 13.74 0.29
N ILE A 106 21.95 13.64 -0.55
CA ILE A 106 20.58 13.45 -0.07
C ILE A 106 20.42 12.09 0.63
N LEU A 107 20.98 11.03 0.04
CA LEU A 107 20.90 9.72 0.70
C LEU A 107 21.64 9.73 2.03
N ASN A 108 22.75 10.47 2.14
CA ASN A 108 23.53 10.50 3.37
C ASN A 108 22.80 11.31 4.46
N ILE A 109 22.29 12.49 4.11
CA ILE A 109 21.67 13.38 5.09
C ILE A 109 20.38 12.77 5.61
N HIS A 110 19.59 12.14 4.74
CA HIS A 110 18.28 11.60 5.12
C HIS A 110 18.39 10.18 5.64
N LEU A 111 18.83 9.25 4.78
CA LEU A 111 18.74 7.83 5.12
C LEU A 111 19.92 7.34 5.96
N LYS A 112 21.16 7.64 5.56
CA LYS A 112 22.30 7.18 6.36
C LYS A 112 22.23 7.72 7.78
N ALA A 113 21.83 8.99 7.93
CA ALA A 113 21.71 9.59 9.26
C ALA A 113 20.71 8.83 10.13
N VAL A 114 19.59 8.40 9.54
CA VAL A 114 18.63 7.60 10.31
C VAL A 114 19.25 6.29 10.76
N TYR A 115 19.97 5.62 9.86
CA TYR A 115 20.67 4.38 10.25
C TYR A 115 21.66 4.65 11.40
N ARG A 116 22.48 5.70 11.27
CA ARG A 116 23.55 5.93 12.24
C ARG A 116 23.01 6.33 13.61
N LEU A 117 22.06 7.27 13.64
CA LEU A 117 21.54 7.75 14.91
C LEU A 117 20.67 6.71 15.59
N SER A 118 19.85 5.98 14.81
CA SER A 118 19.06 4.90 15.40
C SER A 118 19.95 3.85 16.03
N LYS A 119 20.99 3.43 15.31
CA LYS A 119 21.94 2.46 15.86
C LYS A 119 22.53 2.96 17.18
N ARG A 120 22.89 4.23 17.22
CA ARG A 120 23.61 4.77 18.36
C ARG A 120 22.75 4.91 19.61
N VAL A 121 21.42 5.03 19.49
CA VAL A 121 20.57 5.19 20.67
C VAL A 121 19.96 3.87 21.16
N LEU A 122 20.22 2.75 20.48
CA LEU A 122 19.52 1.49 20.80
C LEU A 122 19.84 1.01 22.21
N LYS A 123 21.11 1.14 22.63
CA LYS A 123 21.56 0.62 23.93
C LYS A 123 20.76 1.23 25.07
N GLY A 124 20.66 2.56 25.09
CA GLY A 124 19.98 3.24 26.18
C GLY A 124 18.49 2.95 26.22
N MET A 125 17.85 2.86 25.04
CA MET A 125 16.45 2.48 24.98
C MET A 125 16.24 1.04 25.44
N THR A 126 17.12 0.14 25.00
CA THR A 126 17.05 -1.26 25.42
C THR A 126 17.15 -1.37 26.93
N LYS A 127 18.12 -0.65 27.53
CA LYS A 127 18.29 -0.71 28.97
C LYS A 127 17.10 -0.13 29.71
N ALA A 128 16.50 0.93 29.17
CA ALA A 128 15.34 1.55 29.82
C ALA A 128 14.04 0.78 29.60
N ARG A 129 14.00 -0.22 28.72
CA ARG A 129 12.72 -0.84 28.41
C ARG A 129 11.71 0.22 27.99
N PHE A 130 12.19 1.19 27.21
CA PHE A 130 11.32 2.22 26.68
C PHE A 130 12.05 2.92 25.55
N GLY A 131 11.34 3.23 24.47
CA GLY A 131 11.97 3.99 23.42
C GLY A 131 10.99 4.43 22.36
N ARG A 132 11.27 5.57 21.74
CA ARG A 132 10.52 6.09 20.60
C ARG A 132 11.52 6.55 19.56
N ILE A 133 11.52 5.92 18.39
CA ILE A 133 12.26 6.45 17.24
C ILE A 133 11.21 6.90 16.25
N ILE A 134 11.25 8.18 15.89
CA ILE A 134 10.25 8.79 15.03
C ILE A 134 10.96 9.48 13.88
N ASN A 135 10.78 8.96 12.68
CA ASN A 135 11.50 9.44 11.50
C ASN A 135 10.60 10.33 10.65
N ILE A 136 11.09 11.52 10.30
CA ILE A 136 10.33 12.39 9.41
C ILE A 136 10.57 11.92 7.97
N SER A 137 9.54 11.35 7.37
CA SER A 137 9.57 10.89 5.98
C SER A 137 8.99 11.98 5.09
N SER A 138 8.21 11.60 4.09
CA SER A 138 7.53 12.57 3.22
C SER A 138 6.46 11.87 2.40
N VAL A 139 5.43 12.64 2.04
CA VAL A 139 4.43 12.17 1.07
C VAL A 139 5.12 11.68 -0.21
N VAL A 140 6.27 12.25 -0.54
CA VAL A 140 6.98 11.95 -1.77
C VAL A 140 7.50 10.51 -1.84
N ALA A 141 7.65 9.82 -0.70
CA ALA A 141 8.02 8.42 -0.73
C ALA A 141 6.92 7.55 -1.35
N HIS A 142 5.72 8.08 -1.46
CA HIS A 142 4.54 7.37 -1.97
C HIS A 142 3.90 8.02 -3.17
N PHE A 143 3.88 9.36 -3.21
CA PHE A 143 3.26 10.13 -4.28
C PHE A 143 4.39 10.63 -5.18
N ALA A 144 4.59 9.93 -6.29
CA ALA A 144 5.73 10.17 -7.16
C ALA A 144 5.59 11.50 -7.92
N ASN A 145 6.72 12.21 -8.02
CA ASN A 145 6.82 13.38 -8.87
C ASN A 145 8.19 13.39 -9.55
N PRO A 146 8.27 13.88 -10.81
CA PRO A 146 9.56 13.91 -11.49
C PRO A 146 10.53 14.83 -10.75
N GLY A 147 11.82 14.53 -10.90
CA GLY A 147 12.86 15.38 -10.35
C GLY A 147 13.22 15.14 -8.90
N GLN A 148 12.55 14.23 -8.21
CA GLN A 148 12.84 13.93 -6.81
C GLN A 148 13.30 12.50 -6.57
N ALA A 149 13.95 11.85 -7.54
CA ALA A 149 14.25 10.44 -7.35
C ALA A 149 15.11 10.20 -6.12
N ASN A 150 16.05 11.11 -5.82
CA ASN A 150 16.93 10.89 -4.68
C ASN A 150 16.20 11.07 -3.35
N TYR A 151 15.42 12.14 -3.22
CA TYR A 151 14.67 12.39 -1.99
C TYR A 151 13.63 11.28 -1.75
N SER A 152 12.90 10.91 -2.80
CA SER A 152 11.91 9.85 -2.71
C SER A 152 12.54 8.53 -2.31
N ALA A 153 13.67 8.16 -2.94
CA ALA A 153 14.32 6.90 -2.59
C ALA A 153 14.80 6.92 -1.13
N ALA A 154 15.34 8.06 -0.69
CA ALA A 154 15.81 8.15 0.69
C ALA A 154 14.66 8.01 1.68
N LYS A 155 13.54 8.70 1.44
CA LYS A 155 12.43 8.65 2.38
C LYS A 155 11.78 7.26 2.40
N ALA A 156 11.64 6.62 1.23
CA ALA A 156 11.09 5.27 1.21
C ALA A 156 12.04 4.30 1.91
N GLY A 157 13.34 4.49 1.73
CA GLY A 157 14.31 3.67 2.46
C GLY A 157 14.17 3.83 3.95
N ILE A 158 13.93 5.07 4.42
CA ILE A 158 13.72 5.33 5.83
C ILE A 158 12.52 4.54 6.35
N GLU A 159 11.43 4.51 5.58
CA GLU A 159 10.23 3.82 6.04
C GLU A 159 10.46 2.31 6.11
N ALA A 160 11.18 1.75 5.14
CA ALA A 160 11.48 0.32 5.18
C ALA A 160 12.48 -0.01 6.28
N PHE A 161 13.50 0.83 6.46
CA PHE A 161 14.41 0.71 7.61
C PHE A 161 13.62 0.63 8.91
N SER A 162 12.66 1.55 9.07
CA SER A 162 11.88 1.63 10.30
C SER A 162 11.09 0.35 10.55
N ARG A 163 10.54 -0.27 9.49
CA ARG A 163 9.81 -1.52 9.66
C ARG A 163 10.74 -2.62 10.16
N SER A 164 11.92 -2.76 9.54
CA SER A 164 12.88 -3.77 9.98
C SER A 164 13.29 -3.56 11.42
N LEU A 165 13.60 -2.31 11.78
CA LEU A 165 14.02 -2.03 13.16
C LEU A 165 12.87 -2.21 14.14
N ALA A 166 11.63 -1.86 13.74
CA ALA A 166 10.48 -2.11 14.60
C ALA A 166 10.37 -3.59 14.94
N LYS A 167 10.60 -4.47 13.97
CA LYS A 167 10.58 -5.91 14.26
C LYS A 167 11.67 -6.29 15.24
N GLU A 168 12.89 -5.76 15.01
CA GLU A 168 14.02 -6.05 15.88
C GLU A 168 13.80 -5.62 17.34
N MET A 169 13.22 -4.43 17.58
CA MET A 169 13.13 -3.83 18.92
C MET A 169 11.79 -4.03 19.60
N GLY A 170 10.81 -4.63 18.91
CA GLY A 170 9.46 -4.68 19.44
C GLY A 170 9.35 -5.39 20.79
N SER A 171 10.07 -6.50 20.96
CA SER A 171 9.91 -7.25 22.21
C SER A 171 10.33 -6.43 23.42
N ARG A 172 11.20 -5.45 23.22
CA ARG A 172 11.65 -4.56 24.27
C ARG A 172 10.79 -3.29 24.39
N GLN A 173 9.64 -3.26 23.71
CA GLN A 173 8.60 -2.23 23.81
C GLN A 173 9.01 -0.90 23.19
N ILE A 174 10.13 -0.86 22.47
CA ILE A 174 10.59 0.32 21.74
C ILE A 174 9.82 0.41 20.42
N THR A 175 9.20 1.55 20.13
CA THR A 175 8.47 1.69 18.88
C THR A 175 9.27 2.52 17.89
N VAL A 176 9.11 2.19 16.60
CA VAL A 176 9.83 2.84 15.51
C VAL A 176 8.79 3.17 14.44
N ASN A 177 8.58 4.46 14.20
CA ASN A 177 7.52 4.91 13.28
C ASN A 177 8.03 6.05 12.43
N SER A 178 7.30 6.35 11.37
CA SER A 178 7.58 7.50 10.53
C SER A 178 6.36 8.42 10.49
N VAL A 179 6.61 9.73 10.37
CA VAL A 179 5.59 10.72 10.07
C VAL A 179 5.89 11.30 8.69
N ALA A 180 4.89 11.27 7.80
CA ALA A 180 5.09 11.69 6.42
C ALA A 180 4.33 12.99 6.14
N PRO A 181 4.99 14.14 6.23
CA PRO A 181 4.30 15.41 5.91
C PRO A 181 3.96 15.53 4.44
N GLY A 182 2.86 16.23 4.17
CA GLY A 182 2.55 16.66 2.81
C GLY A 182 3.16 18.02 2.52
N PHE A 183 2.37 18.92 1.92
CA PHE A 183 2.78 20.31 1.67
C PHE A 183 2.60 21.10 2.96
N ILE A 184 3.71 21.45 3.61
CA ILE A 184 3.69 22.18 4.89
C ILE A 184 4.25 23.58 4.62
N ALA A 185 3.56 24.61 5.11
CA ALA A 185 4.01 25.98 4.88
C ALA A 185 5.31 26.23 5.65
N THR A 186 6.27 26.80 4.97
CA THR A 186 7.59 27.09 5.54
C THR A 186 8.01 28.49 5.12
N GLU A 187 9.14 28.95 5.65
CA GLU A 187 9.71 30.21 5.17
C GLU A 187 9.89 30.16 3.66
N MET A 188 10.24 28.95 3.16
CA MET A 188 10.48 28.59 1.75
C MET A 188 9.23 28.71 0.87
N THR A 189 8.09 28.19 1.33
CA THR A 189 6.82 28.30 0.61
C THR A 189 6.21 29.69 0.75
N ASP A 190 6.50 30.39 1.84
CA ASP A 190 6.11 31.80 1.95
C ASP A 190 6.73 32.61 0.81
N ALA A 191 7.95 32.26 0.41
CA ALA A 191 8.67 32.96 -0.64
C ALA A 191 8.17 32.64 -2.04
N LEU A 192 7.48 31.52 -2.21
CA LEU A 192 6.96 31.19 -3.53
C LEU A 192 5.88 32.16 -3.94
N SER A 193 5.55 32.15 -5.23
CA SER A 193 4.40 32.89 -5.70
C SER A 193 3.11 32.20 -5.28
N GLU A 194 2.24 33.00 -4.64
CA GLU A 194 0.78 33.05 -4.72
C GLU A 194 0.15 32.08 -5.69
N ASP A 195 0.71 31.92 -6.91
CA ASP A 195 0.09 31.07 -7.92
C ASP A 195 0.58 29.65 -7.79
N ILE A 196 1.91 29.52 -7.62
CA ILE A 196 2.56 28.23 -7.37
C ILE A 196 2.02 27.60 -6.09
N ARG A 197 1.82 28.42 -5.05
CA ARG A 197 1.29 27.90 -3.80
C ARG A 197 -0.18 27.48 -3.92
N LYS A 198 -0.88 28.05 -4.88
CA LYS A 198 -2.28 27.71 -5.07
C LYS A 198 -2.38 26.38 -5.77
N LYS A 199 -1.45 26.18 -6.70
CA LYS A 199 -1.24 24.91 -7.39
C LYS A 199 -1.00 23.78 -6.41
N MET A 200 -0.33 24.11 -5.32
CA MET A 200 -0.12 23.13 -4.25
C MET A 200 -1.41 22.84 -3.50
N SER A 201 -2.06 23.88 -2.95
CA SER A 201 -3.24 23.62 -2.11
C SER A 201 -4.41 23.04 -2.90
N ASP A 202 -4.48 23.26 -4.21
CA ASP A 202 -5.58 22.67 -4.98
C ASP A 202 -5.47 21.16 -5.10
N GLN A 203 -4.29 20.58 -4.84
CA GLN A 203 -4.12 19.14 -4.78
C GLN A 203 -4.48 18.54 -3.42
N VAL A 204 -4.66 19.38 -2.41
CA VAL A 204 -4.92 18.95 -1.04
C VAL A 204 -6.44 18.92 -0.83
N ALA A 205 -6.96 17.78 -0.33
CA ALA A 205 -8.41 17.71 -0.09
C ALA A 205 -8.87 18.80 0.88
N LEU A 206 -8.09 19.10 1.92
CA LEU A 206 -8.45 20.18 2.84
C LEU A 206 -8.20 21.57 2.27
N ASN A 207 -7.63 21.66 1.06
CA ASN A 207 -7.58 22.90 0.30
C ASN A 207 -6.71 23.97 0.96
N ARG A 208 -5.59 23.56 1.57
CA ARG A 208 -4.69 24.48 2.23
C ARG A 208 -3.38 23.76 2.49
N LEU A 209 -2.30 24.54 2.61
CA LEU A 209 -1.04 24.00 3.11
C LEU A 209 -1.15 23.72 4.60
N GLY A 210 -0.43 22.71 5.07
CA GLY A 210 -0.35 22.44 6.48
C GLY A 210 0.60 23.41 7.19
N GLU A 211 0.71 23.24 8.50
CA GLU A 211 1.58 24.04 9.34
C GLU A 211 2.57 23.14 10.08
N PRO A 212 3.76 23.66 10.45
CA PRO A 212 4.70 22.84 11.24
C PRO A 212 4.08 22.21 12.48
N GLN A 213 3.16 22.92 13.16
CA GLN A 213 2.51 22.38 14.34
C GLN A 213 1.73 21.11 14.05
N ASP A 214 1.16 20.98 12.83
CA ASP A 214 0.47 19.75 12.46
C ASP A 214 1.41 18.55 12.54
N ILE A 215 2.66 18.72 12.10
CA ILE A 215 3.65 17.64 12.17
C ILE A 215 4.06 17.42 13.62
N ALA A 216 4.28 18.51 14.36
CA ALA A 216 4.62 18.39 15.78
C ALA A 216 3.54 17.66 16.56
N ASN A 217 2.26 17.88 16.22
CA ASN A 217 1.17 17.19 16.89
C ASN A 217 1.26 15.69 16.66
N ALA A 218 1.57 15.28 15.43
CA ALA A 218 1.67 13.86 15.11
C ALA A 218 2.86 13.21 15.81
N VAL A 219 4.01 13.91 15.84
CA VAL A 219 5.19 13.40 16.53
C VAL A 219 4.92 13.29 18.03
N SER A 220 4.31 14.32 18.60
CA SER A 220 3.94 14.31 20.02
C SER A 220 3.04 13.13 20.36
N PHE A 221 2.04 12.85 19.50
CA PHE A 221 1.19 11.68 19.71
C PHE A 221 2.01 10.40 19.74
N LEU A 222 2.85 10.19 18.73
CA LEU A 222 3.62 8.95 18.65
C LEU A 222 4.61 8.82 19.80
N ALA A 223 5.17 9.94 20.27
CA ALA A 223 6.13 9.90 21.37
C ALA A 223 5.49 9.67 22.73
N SER A 224 4.16 9.69 22.83
CA SER A 224 3.46 9.63 24.10
C SER A 224 3.02 8.21 24.45
N ASP A 225 2.53 8.05 25.68
CA ASP A 225 1.92 6.78 26.08
C ASP A 225 0.54 6.52 25.43
N LYS A 226 0.07 7.44 24.60
CA LYS A 226 -1.15 7.21 23.85
C LYS A 226 -0.90 6.42 22.57
N ALA A 227 0.35 6.15 22.23
CA ALA A 227 0.71 5.46 20.99
C ALA A 227 1.58 4.25 21.26
N GLY A 228 1.50 3.66 22.45
CA GLY A 228 2.38 2.59 22.85
C GLY A 228 2.17 1.28 22.11
N TYR A 229 1.05 1.12 21.41
CA TYR A 229 0.79 -0.08 20.62
C TYR A 229 0.89 0.20 19.12
N ILE A 230 1.52 1.30 18.73
CA ILE A 230 1.73 1.66 17.34
C ILE A 230 3.22 1.55 17.02
N THR A 231 3.59 0.64 16.11
CA THR A 231 4.98 0.56 15.69
C THR A 231 5.07 0.05 14.26
N GLY A 232 6.13 0.48 13.58
CA GLY A 232 6.35 0.12 12.20
C GLY A 232 5.39 0.77 11.21
N THR A 233 4.73 1.88 11.57
CA THR A 233 3.75 2.48 10.67
C THR A 233 4.25 3.81 10.11
N VAL A 234 3.53 4.30 9.10
CA VAL A 234 3.69 5.65 8.58
C VAL A 234 2.43 6.43 8.93
N LEU A 235 2.59 7.53 9.65
CA LEU A 235 1.48 8.44 9.96
C LEU A 235 1.49 9.57 8.93
N HIS A 236 0.50 9.57 8.04
CA HIS A 236 0.42 10.53 6.94
C HIS A 236 -0.28 11.79 7.42
N VAL A 237 0.38 12.93 7.26
CA VAL A 237 -0.17 14.22 7.69
C VAL A 237 -0.09 15.16 6.50
N ASN A 238 -1.03 14.99 5.55
CA ASN A 238 -0.91 15.68 4.28
C ASN A 238 -2.23 16.29 3.82
N GLY A 239 -3.24 16.35 4.67
CA GLY A 239 -4.51 16.98 4.31
C GLY A 239 -5.27 16.28 3.21
N GLY A 240 -4.98 15.00 2.97
CA GLY A 240 -5.62 14.30 1.87
C GLY A 240 -4.95 14.48 0.53
N LEU A 241 -3.76 15.10 0.48
CA LEU A 241 -2.94 15.09 -0.74
C LEU A 241 -2.67 13.67 -1.24
N TYR A 242 -2.42 12.74 -0.32
CA TYR A 242 -2.19 11.33 -0.63
C TYR A 242 -2.92 10.49 0.40
N MET A 243 -3.75 9.56 -0.06
CA MET A 243 -4.59 8.77 0.85
C MET A 243 -4.25 7.29 0.74
N ALA A 244 -3.81 6.69 1.86
CA ALA A 244 -3.57 5.24 1.89
C ALA A 244 -3.92 4.62 3.24
N ARG B 5 17.78 -6.47 -34.07
CA ARG B 5 17.31 -6.89 -32.74
C ARG B 5 17.58 -5.80 -31.71
N LYS B 6 16.55 -5.44 -30.93
CA LYS B 6 16.72 -4.50 -29.82
C LYS B 6 17.65 -5.13 -28.77
N VAL B 7 18.45 -4.28 -28.12
CA VAL B 7 19.42 -4.74 -27.14
C VAL B 7 18.83 -4.64 -25.73
N ALA B 8 18.96 -5.73 -24.97
CA ALA B 8 18.63 -5.79 -23.55
C ALA B 8 19.91 -5.98 -22.76
N LEU B 9 20.04 -5.25 -21.65
CA LEU B 9 21.16 -5.39 -20.73
C LEU B 9 20.64 -5.99 -19.42
N VAL B 10 21.17 -7.15 -19.04
CA VAL B 10 20.76 -7.84 -17.81
C VAL B 10 21.98 -7.96 -16.92
N THR B 11 21.99 -7.24 -15.79
CA THR B 11 23.13 -7.35 -14.88
C THR B 11 23.01 -8.61 -14.03
N GLY B 12 24.16 -9.17 -13.67
CA GLY B 12 24.19 -10.38 -12.85
C GLY B 12 23.51 -11.58 -13.48
N ALA B 13 23.87 -11.90 -14.72
CA ALA B 13 23.17 -12.92 -15.50
C ALA B 13 23.80 -14.31 -15.38
N SER B 14 24.78 -14.48 -14.50
CA SER B 14 25.53 -15.75 -14.50
C SER B 14 24.63 -16.94 -14.15
N ARG B 15 23.78 -16.82 -13.12
CA ARG B 15 22.95 -17.91 -12.58
C ARG B 15 21.65 -17.40 -11.97
N GLY B 16 20.84 -18.37 -11.54
CA GLY B 16 19.61 -18.05 -10.83
C GLY B 16 18.69 -17.17 -11.67
N ILE B 17 18.13 -16.15 -11.00
CA ILE B 17 17.13 -15.30 -11.61
C ILE B 17 17.71 -14.54 -12.81
N GLY B 18 18.91 -14.01 -12.66
CA GLY B 18 19.53 -13.28 -13.76
C GLY B 18 19.72 -14.14 -15.01
N ALA B 19 20.19 -15.37 -14.84
CA ALA B 19 20.37 -16.25 -15.99
C ALA B 19 19.04 -16.58 -16.66
N ALA B 20 18.01 -16.87 -15.86
CA ALA B 20 16.71 -17.18 -16.44
C ALA B 20 16.14 -15.99 -17.19
N ILE B 21 16.31 -14.78 -16.64
CA ILE B 21 15.86 -13.57 -17.33
C ILE B 21 16.56 -13.44 -18.68
N ALA B 22 17.88 -13.58 -18.68
CA ALA B 22 18.64 -13.39 -19.91
C ALA B 22 18.23 -14.40 -20.97
N GLN B 23 18.07 -15.67 -20.58
CA GLN B 23 17.67 -16.69 -21.55
C GLN B 23 16.26 -16.43 -22.08
N GLN B 24 15.35 -15.98 -21.19
CA GLN B 24 13.98 -15.72 -21.64
C GLN B 24 13.94 -14.53 -22.61
N LEU B 25 14.67 -13.45 -22.32
CA LEU B 25 14.65 -12.32 -23.24
C LEU B 25 15.27 -12.69 -24.58
N ILE B 26 16.22 -13.61 -24.62
CA ILE B 26 16.71 -14.12 -25.90
C ILE B 26 15.59 -14.84 -26.64
N GLN B 27 14.88 -15.73 -25.94
CA GLN B 27 13.73 -16.40 -26.56
C GLN B 27 12.71 -15.38 -27.08
N ASP B 28 12.53 -14.26 -26.37
CA ASP B 28 11.59 -13.22 -26.78
C ASP B 28 12.04 -12.45 -28.01
N GLY B 29 13.31 -12.56 -28.41
CA GLY B 29 13.79 -11.86 -29.59
C GLY B 29 14.76 -10.73 -29.32
N TYR B 30 15.15 -10.50 -28.07
CA TYR B 30 16.14 -9.47 -27.79
C TYR B 30 17.55 -10.01 -27.99
N PHE B 31 18.46 -9.11 -28.35
CA PHE B 31 19.90 -9.39 -28.22
C PHE B 31 20.30 -9.04 -26.79
N VAL B 32 20.76 -10.02 -26.03
CA VAL B 32 20.95 -9.84 -24.60
C VAL B 32 22.44 -9.71 -24.29
N VAL B 33 22.83 -8.59 -23.71
CA VAL B 33 24.13 -8.46 -23.06
C VAL B 33 23.91 -8.78 -21.58
N GLY B 34 24.53 -9.86 -21.11
CA GLY B 34 24.52 -10.20 -19.70
C GLY B 34 25.85 -9.86 -19.05
N THR B 35 25.82 -9.46 -17.78
CA THR B 35 27.07 -9.15 -17.10
C THR B 35 27.36 -10.16 -15.99
N ALA B 36 28.66 -10.37 -15.77
CA ALA B 36 29.18 -11.22 -14.73
C ALA B 36 30.21 -10.44 -13.92
N THR B 37 30.57 -10.99 -12.76
CA THR B 37 31.50 -10.32 -11.87
C THR B 37 32.96 -10.49 -12.28
N SER B 38 33.27 -11.31 -13.28
CA SER B 38 34.65 -11.56 -13.67
C SER B 38 34.73 -11.79 -15.18
N GLU B 39 35.95 -11.76 -15.72
CA GLU B 39 36.10 -12.01 -17.16
C GLU B 39 35.74 -13.44 -17.52
N SER B 40 36.16 -14.41 -16.69
CA SER B 40 35.82 -15.79 -16.97
C SER B 40 34.31 -16.01 -16.91
N GLY B 41 33.65 -15.35 -15.95
CA GLY B 41 32.20 -15.38 -15.92
C GLY B 41 31.57 -14.79 -17.17
N ALA B 42 32.12 -13.68 -17.66
CA ALA B 42 31.60 -13.06 -18.87
C ALA B 42 31.80 -13.97 -20.09
N GLN B 43 32.95 -14.64 -20.16
CA GLN B 43 33.17 -15.55 -21.29
C GLN B 43 32.17 -16.69 -21.29
N LYS B 44 31.80 -17.19 -20.10
CA LYS B 44 30.80 -18.25 -20.03
C LYS B 44 29.44 -17.75 -20.51
N LEU B 45 29.12 -16.48 -20.26
CA LEU B 45 27.90 -15.90 -20.79
C LEU B 45 27.97 -15.79 -22.31
N THR B 46 29.11 -15.29 -22.82
CA THR B 46 29.33 -15.21 -24.27
C THR B 46 29.13 -16.58 -24.92
N ASP B 47 29.74 -17.63 -24.33
CA ASP B 47 29.58 -18.98 -24.88
C ASP B 47 28.12 -19.40 -24.90
N SER B 48 27.41 -19.14 -23.80
CA SER B 48 26.02 -19.56 -23.70
C SER B 48 25.12 -18.81 -24.69
N PHE B 49 25.33 -17.50 -24.87
CA PHE B 49 24.38 -16.72 -25.67
C PHE B 49 24.63 -16.88 -27.17
N GLY B 50 25.86 -17.16 -27.57
CA GLY B 50 26.16 -17.27 -28.99
C GLY B 50 25.84 -16.01 -29.77
N GLU B 51 25.24 -16.22 -30.95
CA GLU B 51 24.77 -15.21 -31.90
C GLU B 51 23.82 -14.19 -31.29
N GLN B 52 23.13 -14.54 -30.19
CA GLN B 52 22.01 -13.73 -29.73
C GLN B 52 22.31 -12.99 -28.45
N GLY B 53 23.57 -12.93 -28.05
CA GLY B 53 23.95 -12.06 -26.96
C GLY B 53 25.44 -11.95 -26.82
N ALA B 54 25.85 -11.39 -25.69
CA ALA B 54 27.26 -11.21 -25.36
C ALA B 54 27.38 -11.13 -23.85
N GLY B 55 28.54 -11.53 -23.34
CA GLY B 55 28.85 -11.43 -21.91
C GLY B 55 29.90 -10.33 -21.69
N LEU B 56 29.72 -9.55 -20.64
CA LEU B 56 30.70 -8.53 -20.26
C LEU B 56 30.90 -8.56 -18.75
N ALA B 57 32.13 -8.28 -18.32
CA ALA B 57 32.42 -8.20 -16.90
C ALA B 57 32.04 -6.81 -16.39
N LEU B 58 31.42 -6.76 -15.21
CA LEU B 58 30.95 -5.49 -14.67
C LEU B 58 30.85 -5.59 -13.15
N ASP B 59 31.57 -4.72 -12.46
CA ASP B 59 31.36 -4.48 -11.04
C ASP B 59 30.39 -3.31 -10.93
N VAL B 60 29.14 -3.58 -10.53
CA VAL B 60 28.11 -2.54 -10.52
C VAL B 60 28.35 -1.47 -9.46
N ARG B 61 29.36 -1.65 -8.59
CA ARG B 61 29.73 -0.61 -7.63
C ARG B 61 30.56 0.49 -8.24
N ASN B 62 30.98 0.30 -9.50
CA ASN B 62 31.97 1.13 -10.18
C ASN B 62 31.33 1.98 -11.28
N LEU B 63 31.27 3.30 -11.06
CA LEU B 63 30.69 4.17 -12.09
C LEU B 63 31.48 4.10 -13.41
N ASP B 64 32.81 4.09 -13.32
CA ASP B 64 33.65 4.02 -14.53
C ASP B 64 33.37 2.76 -15.35
N GLU B 65 33.16 1.63 -14.68
CA GLU B 65 32.86 0.39 -15.40
C GLU B 65 31.45 0.41 -15.98
N ILE B 66 30.49 0.95 -15.23
CA ILE B 66 29.13 1.11 -15.77
C ILE B 66 29.18 1.90 -17.07
N GLU B 67 29.84 3.04 -17.05
CA GLU B 67 29.91 3.83 -18.25
C GLU B 67 30.64 3.09 -19.37
N ALA B 68 31.82 2.46 -19.08
CA ALA B 68 32.56 1.72 -20.10
C ALA B 68 31.73 0.61 -20.71
N VAL B 69 30.94 -0.09 -19.88
CA VAL B 69 30.13 -1.20 -20.39
C VAL B 69 29.02 -0.69 -21.31
N VAL B 70 28.29 0.36 -20.88
CA VAL B 70 27.20 0.83 -21.74
C VAL B 70 27.78 1.42 -23.03
N SER B 71 28.89 2.14 -22.94
CA SER B 71 29.50 2.69 -24.14
C SER B 71 29.91 1.58 -25.10
N HIS B 72 30.49 0.50 -24.56
CA HIS B 72 30.86 -0.65 -25.37
C HIS B 72 29.65 -1.26 -26.08
N ILE B 73 28.53 -1.39 -25.36
CA ILE B 73 27.32 -1.93 -25.99
C ILE B 73 26.84 -1.01 -27.11
N GLU B 74 26.84 0.31 -26.85
CA GLU B 74 26.38 1.27 -27.85
C GLU B 74 27.26 1.21 -29.10
N GLN B 75 28.57 1.06 -28.91
CA GLN B 75 29.49 1.05 -30.05
C GLN B 75 29.39 -0.23 -30.88
N ASN B 76 29.13 -1.37 -30.23
CA ASN B 76 29.18 -2.65 -30.91
C ASN B 76 27.84 -3.27 -31.25
N TYR B 77 26.77 -2.96 -30.50
CA TYR B 77 25.52 -3.69 -30.70
C TYR B 77 24.32 -2.79 -30.94
N GLY B 78 24.22 -1.66 -30.25
CA GLY B 78 23.09 -0.78 -30.37
C GLY B 78 22.72 -0.16 -29.03
N PRO B 79 21.74 0.72 -29.02
CA PRO B 79 21.34 1.36 -27.75
C PRO B 79 20.68 0.35 -26.83
N VAL B 80 20.89 0.54 -25.52
CA VAL B 80 20.25 -0.32 -24.53
C VAL B 80 18.78 0.11 -24.44
N LEU B 81 17.87 -0.74 -24.91
CA LEU B 81 16.46 -0.40 -24.89
C LEU B 81 15.66 -1.15 -23.82
N VAL B 82 16.20 -2.24 -23.29
CA VAL B 82 15.65 -2.92 -22.11
C VAL B 82 16.78 -3.05 -21.09
N LEU B 83 16.60 -2.49 -19.90
CA LEU B 83 17.59 -2.58 -18.84
C LEU B 83 16.95 -3.35 -17.69
N VAL B 84 17.58 -4.45 -17.29
CA VAL B 84 17.13 -5.22 -16.13
C VAL B 84 18.21 -5.10 -15.06
N ASN B 85 17.93 -4.34 -13.99
CA ASN B 85 18.84 -4.22 -12.86
C ASN B 85 18.60 -5.37 -11.89
N ASN B 86 19.54 -6.31 -11.84
CA ASN B 86 19.36 -7.54 -11.07
C ASN B 86 20.53 -7.72 -10.10
N ALA B 87 20.25 -7.60 -8.80
CA ALA B 87 21.23 -7.86 -7.77
C ALA B 87 20.56 -8.64 -6.65
N GLY B 88 21.30 -9.58 -6.07
CA GLY B 88 20.77 -10.36 -4.97
C GLY B 88 21.65 -10.47 -3.74
N ILE B 89 22.85 -9.84 -3.73
CA ILE B 89 23.76 -10.00 -2.61
C ILE B 89 23.15 -9.42 -1.34
N THR B 90 23.36 -10.12 -0.22
CA THR B 90 22.87 -9.68 1.08
C THR B 90 24.04 -9.57 2.05
N LYS B 91 23.89 -8.67 3.04
CA LYS B 91 24.81 -8.60 4.18
C LYS B 91 23.94 -8.36 5.41
N ASP B 92 23.16 -9.38 5.76
CA ASP B 92 22.21 -9.33 6.86
C ASP B 92 22.93 -9.22 8.20
N ASN B 93 22.26 -8.56 9.16
CA ASN B 93 22.73 -8.42 10.54
C ASN B 93 21.69 -7.63 11.32
N LEU B 94 21.42 -8.02 12.58
CA LEU B 94 20.71 -7.12 13.49
C LEU B 94 21.43 -5.77 13.54
N LEU B 95 20.67 -4.69 13.75
CA LEU B 95 21.21 -3.35 13.59
C LEU B 95 22.48 -3.13 14.42
N LEU B 96 22.55 -3.49 15.70
CA LEU B 96 23.89 -3.10 16.19
C LEU B 96 24.98 -4.13 15.92
N ARG B 97 24.81 -5.09 15.00
CA ARG B 97 25.97 -5.73 14.38
C ARG B 97 26.13 -5.34 12.93
N MET B 98 25.32 -4.41 12.42
CA MET B 98 25.37 -4.05 11.01
C MET B 98 26.37 -2.91 10.83
N SER B 99 27.52 -3.21 10.21
CA SER B 99 28.60 -2.25 10.11
C SER B 99 28.32 -1.20 9.05
N GLU B 100 29.10 -0.12 9.10
CA GLU B 100 29.09 0.87 8.03
C GLU B 100 29.27 0.21 6.67
N ASP B 101 30.25 -0.69 6.54
CA ASP B 101 30.45 -1.38 5.25
C ASP B 101 29.24 -2.19 4.85
N ASP B 102 28.67 -2.96 5.78
CA ASP B 102 27.50 -3.78 5.47
C ASP B 102 26.36 -2.89 4.94
N TRP B 103 26.17 -1.73 5.55
CA TRP B 103 25.17 -0.79 5.05
C TRP B 103 25.56 -0.25 3.69
N ASP B 104 26.77 0.33 3.58
CA ASP B 104 27.15 1.06 2.37
C ASP B 104 27.20 0.15 1.17
N ASP B 105 27.74 -1.06 1.33
CA ASP B 105 27.94 -1.93 0.18
C ASP B 105 26.60 -2.38 -0.41
N ILE B 106 25.62 -2.72 0.45
CA ILE B 106 24.31 -3.15 -0.03
C ILE B 106 23.58 -1.98 -0.70
N LEU B 107 23.62 -0.79 -0.11
CA LEU B 107 22.98 0.36 -0.75
C LEU B 107 23.64 0.69 -2.09
N ASN B 108 24.96 0.50 -2.20
CA ASN B 108 25.66 0.81 -3.45
C ASN B 108 25.35 -0.21 -4.54
N ILE B 109 25.40 -1.51 -4.20
CA ILE B 109 25.21 -2.57 -5.18
C ILE B 109 23.78 -2.57 -5.70
N HIS B 110 22.81 -2.36 -4.81
CA HIS B 110 21.39 -2.44 -5.18
C HIS B 110 20.87 -1.10 -5.68
N LEU B 111 20.87 -0.08 -4.82
CA LEU B 111 20.17 1.17 -5.14
C LEU B 111 21.01 2.12 -5.99
N LYS B 112 22.27 2.38 -5.59
CA LYS B 112 23.08 3.30 -6.39
C LYS B 112 23.25 2.78 -7.82
N ALA B 113 23.43 1.47 -7.98
CA ALA B 113 23.56 0.89 -9.31
C ALA B 113 22.33 1.15 -10.17
N VAL B 114 21.14 1.05 -9.57
CA VAL B 114 19.91 1.35 -10.32
C VAL B 114 19.90 2.81 -10.76
N TYR B 115 20.27 3.73 -9.87
CA TYR B 115 20.37 5.14 -10.24
C TYR B 115 21.37 5.34 -11.40
N ARG B 116 22.56 4.75 -11.29
CA ARG B 116 23.62 5.01 -12.27
C ARG B 116 23.30 4.43 -13.63
N LEU B 117 22.84 3.17 -13.66
CA LEU B 117 22.56 2.52 -14.94
C LEU B 117 21.32 3.09 -15.60
N SER B 118 20.28 3.38 -14.82
CA SER B 118 19.08 4.01 -15.40
C SER B 118 19.43 5.35 -16.02
N LYS B 119 20.20 6.17 -15.29
CA LYS B 119 20.62 7.46 -15.84
C LYS B 119 21.36 7.29 -17.16
N ARG B 120 22.24 6.28 -17.22
CA ARG B 120 23.11 6.13 -18.38
C ARG B 120 22.37 5.63 -19.63
N VAL B 121 21.24 4.95 -19.49
CA VAL B 121 20.52 4.44 -20.67
C VAL B 121 19.40 5.38 -21.14
N LEU B 122 19.16 6.50 -20.45
CA LEU B 122 17.98 7.32 -20.76
C LEU B 122 18.04 7.92 -22.17
N LYS B 123 19.23 8.35 -22.59
CA LYS B 123 19.41 9.01 -23.88
C LYS B 123 18.94 8.13 -25.04
N GLY B 124 19.43 6.89 -25.06
CA GLY B 124 19.09 5.99 -26.16
C GLY B 124 17.63 5.61 -26.18
N MET B 125 17.03 5.40 -24.99
CA MET B 125 15.60 5.14 -24.93
C MET B 125 14.79 6.35 -25.37
N THR B 126 15.19 7.55 -24.92
CA THR B 126 14.51 8.77 -25.33
C THR B 126 14.55 8.93 -26.85
N LYS B 127 15.71 8.70 -27.45
CA LYS B 127 15.84 8.84 -28.90
C LYS B 127 15.01 7.80 -29.63
N ALA B 128 14.92 6.59 -29.11
CA ALA B 128 14.14 5.54 -29.75
C ALA B 128 12.64 5.67 -29.52
N ARG B 129 12.20 6.64 -28.68
CA ARG B 129 10.86 6.73 -28.06
C ARG B 129 10.32 5.35 -27.68
N PHE B 130 11.18 4.48 -27.13
CA PHE B 130 10.84 3.17 -26.60
C PHE B 130 11.81 2.85 -25.48
N GLY B 131 11.32 2.25 -24.41
CA GLY B 131 12.23 1.83 -23.37
C GLY B 131 11.54 1.00 -22.30
N ARG B 132 12.30 0.09 -21.69
CA ARG B 132 11.86 -0.71 -20.55
C ARG B 132 12.97 -0.70 -19.52
N ILE B 133 12.71 -0.14 -18.35
CA ILE B 133 13.61 -0.31 -17.21
C ILE B 133 12.87 -1.18 -16.22
N ILE B 134 13.47 -2.32 -15.87
CA ILE B 134 12.83 -3.30 -15.02
C ILE B 134 13.79 -3.63 -13.89
N ASN B 135 13.41 -3.25 -12.66
CA ASN B 135 14.27 -3.38 -11.50
C ASN B 135 13.86 -4.57 -10.66
N ILE B 136 14.82 -5.44 -10.32
CA ILE B 136 14.52 -6.56 -9.42
C ILE B 136 14.55 -6.04 -8.00
N SER B 137 13.36 -5.97 -7.37
CA SER B 137 13.21 -5.56 -5.99
C SER B 137 13.18 -6.80 -5.11
N SER B 138 12.32 -6.81 -4.08
CA SER B 138 12.14 -7.97 -3.23
C SER B 138 10.87 -7.82 -2.39
N VAL B 139 10.27 -8.96 -2.04
CA VAL B 139 9.19 -8.97 -1.06
C VAL B 139 9.60 -8.24 0.22
N VAL B 140 10.90 -8.26 0.54
CA VAL B 140 11.42 -7.69 1.77
C VAL B 140 11.26 -6.17 1.86
N ALA B 141 11.10 -5.48 0.72
CA ALA B 141 10.81 -4.05 0.77
C ALA B 141 9.46 -3.74 1.39
N HIS B 142 8.60 -4.75 1.51
CA HIS B 142 7.24 -4.61 2.03
C HIS B 142 6.95 -5.49 3.23
N PHE B 143 7.51 -6.71 3.25
CA PHE B 143 7.30 -7.68 4.32
C PHE B 143 8.54 -7.64 5.20
N ALA B 144 8.43 -6.93 6.33
CA ALA B 144 9.57 -6.67 7.19
C ALA B 144 10.03 -7.92 7.94
N ASN B 145 11.36 -8.13 7.96
CA ASN B 145 12.06 -9.12 8.76
C ASN B 145 13.19 -8.46 9.56
N PRO B 146 13.50 -8.93 10.78
CA PRO B 146 14.69 -8.41 11.45
C PRO B 146 15.95 -8.82 10.71
N GLY B 147 16.98 -7.99 10.85
CA GLY B 147 18.29 -8.30 10.28
C GLY B 147 18.49 -7.92 8.84
N GLN B 148 17.48 -7.38 8.16
CA GLN B 148 17.60 -6.98 6.76
C GLN B 148 17.40 -5.48 6.52
N ALA B 149 17.72 -4.63 7.49
CA ALA B 149 17.37 -3.21 7.32
C ALA B 149 18.03 -2.62 6.09
N ASN B 150 19.26 -3.04 5.77
CA ASN B 150 19.96 -2.45 4.63
C ASN B 150 19.37 -2.91 3.31
N TYR B 151 19.12 -4.22 3.17
CA TYR B 151 18.54 -4.76 1.94
C TYR B 151 17.13 -4.21 1.72
N SER B 152 16.32 -4.20 2.79
CA SER B 152 14.96 -3.68 2.70
C SER B 152 14.95 -2.20 2.32
N ALA B 153 15.82 -1.39 2.95
CA ALA B 153 15.86 0.04 2.59
C ALA B 153 16.29 0.23 1.14
N ALA B 154 17.26 -0.55 0.68
CA ALA B 154 17.71 -0.43 -0.70
C ALA B 154 16.61 -0.80 -1.69
N LYS B 155 15.89 -1.90 -1.43
CA LYS B 155 14.87 -2.33 -2.38
C LYS B 155 13.68 -1.36 -2.38
N ALA B 156 13.28 -0.86 -1.20
CA ALA B 156 12.20 0.13 -1.16
C ALA B 156 12.62 1.42 -1.86
N GLY B 157 13.89 1.81 -1.68
CA GLY B 157 14.40 2.97 -2.40
C GLY B 157 14.34 2.77 -3.91
N ILE B 158 14.64 1.57 -4.38
CA ILE B 158 14.54 1.25 -5.81
C ILE B 158 13.12 1.45 -6.30
N GLU B 159 12.13 0.99 -5.52
CA GLU B 159 10.74 1.10 -5.97
C GLU B 159 10.30 2.56 -6.03
N ALA B 160 10.72 3.37 -5.05
CA ALA B 160 10.38 4.79 -5.07
C ALA B 160 11.11 5.52 -6.18
N PHE B 161 12.40 5.22 -6.37
CA PHE B 161 13.16 5.72 -7.53
C PHE B 161 12.40 5.47 -8.83
N SER B 162 11.93 4.22 -8.99
CA SER B 162 11.24 3.82 -10.21
C SER B 162 9.98 4.63 -10.44
N ARG B 163 9.23 4.94 -9.38
CA ARG B 163 8.02 5.76 -9.53
C ARG B 163 8.38 7.16 -10.02
N SER B 164 9.42 7.77 -9.44
CA SER B 164 9.76 9.12 -9.86
C SER B 164 10.26 9.12 -11.30
N LEU B 165 11.08 8.12 -11.67
CA LEU B 165 11.57 8.07 -13.04
C LEU B 165 10.45 7.74 -14.03
N ALA B 166 9.49 6.88 -13.62
CA ALA B 166 8.33 6.62 -14.47
C ALA B 166 7.58 7.91 -14.79
N LYS B 167 7.42 8.80 -13.82
CA LYS B 167 6.78 10.09 -14.09
C LYS B 167 7.60 10.90 -15.07
N GLU B 168 8.93 10.91 -14.95
CA GLU B 168 9.78 11.73 -15.82
CA GLU B 168 9.75 11.74 -15.83
C GLU B 168 9.75 11.22 -17.26
N MET B 169 9.77 9.92 -17.44
CA MET B 169 9.94 9.35 -18.78
C MET B 169 8.63 8.95 -19.45
N GLY B 170 7.50 9.07 -18.75
CA GLY B 170 6.25 8.53 -19.27
C GLY B 170 5.83 9.13 -20.60
N SER B 171 6.00 10.45 -20.78
CA SER B 171 5.52 11.07 -22.02
C SER B 171 6.24 10.50 -23.25
N ARG B 172 7.50 10.06 -23.12
CA ARG B 172 8.20 9.41 -24.23
C ARG B 172 7.99 7.89 -24.29
N GLN B 173 7.00 7.36 -23.56
CA GLN B 173 6.49 5.98 -23.66
C GLN B 173 7.45 4.95 -23.07
N ILE B 174 8.49 5.40 -22.35
CA ILE B 174 9.41 4.52 -21.64
C ILE B 174 8.77 4.11 -20.31
N THR B 175 8.71 2.80 -20.04
CA THR B 175 8.12 2.36 -18.77
C THR B 175 9.21 1.95 -17.80
N VAL B 176 8.94 2.17 -16.51
CA VAL B 176 9.88 1.88 -15.43
C VAL B 176 9.09 1.13 -14.36
N ASN B 177 9.46 -0.13 -14.12
CA ASN B 177 8.71 -0.99 -13.22
C ASN B 177 9.68 -1.80 -12.37
N SER B 178 9.15 -2.41 -11.30
CA SER B 178 9.92 -3.34 -10.49
C SER B 178 9.22 -4.69 -10.45
N VAL B 179 10.01 -5.76 -10.34
CA VAL B 179 9.52 -7.10 -10.05
C VAL B 179 10.05 -7.49 -8.68
N ALA B 180 9.15 -7.92 -7.79
CA ALA B 180 9.52 -8.21 -6.41
C ALA B 180 9.40 -9.71 -6.14
N PRO B 181 10.49 -10.47 -6.24
CA PRO B 181 10.42 -11.91 -5.94
C PRO B 181 10.18 -12.18 -4.46
N GLY B 182 9.50 -13.29 -4.19
CA GLY B 182 9.42 -13.82 -2.84
C GLY B 182 10.55 -14.78 -2.57
N PHE B 183 10.24 -15.94 -1.97
CA PHE B 183 11.22 -17.01 -1.74
C PHE B 183 11.38 -17.80 -3.03
N ILE B 184 12.52 -17.63 -3.70
CA ILE B 184 12.82 -18.29 -4.98
C ILE B 184 13.93 -19.31 -4.73
N ALA B 185 13.74 -20.53 -5.23
CA ALA B 185 14.75 -21.57 -5.02
C ALA B 185 16.01 -21.23 -5.80
N THR B 186 17.14 -21.34 -5.12
CA THR B 186 18.44 -21.02 -5.71
C THR B 186 19.42 -22.11 -5.30
N GLU B 187 20.65 -22.02 -5.84
CA GLU B 187 21.70 -22.91 -5.38
C GLU B 187 21.86 -22.81 -3.87
N MET B 188 21.71 -21.63 -3.26
CA MET B 188 21.90 -21.74 -1.82
C MET B 188 20.64 -22.19 -1.08
N THR B 189 19.42 -21.83 -1.51
CA THR B 189 18.33 -22.49 -0.78
C THR B 189 18.37 -24.00 -0.93
N ASP B 190 18.93 -24.50 -2.04
CA ASP B 190 19.18 -25.93 -2.16
C ASP B 190 20.09 -26.41 -1.04
N ALA B 191 21.06 -25.56 -0.64
CA ALA B 191 22.02 -25.89 0.40
C ALA B 191 21.45 -25.83 1.81
N LEU B 192 20.34 -25.12 2.00
CA LEU B 192 19.74 -25.05 3.33
C LEU B 192 19.19 -26.41 3.73
N SER B 193 18.90 -26.54 5.02
CA SER B 193 18.18 -27.71 5.48
C SER B 193 16.72 -27.65 5.08
N GLU B 194 16.28 -28.74 4.44
CA GLU B 194 14.99 -29.42 4.52
C GLU B 194 14.00 -28.82 5.52
N ASP B 195 14.45 -28.44 6.72
CA ASP B 195 13.54 -27.96 7.75
C ASP B 195 13.37 -26.45 7.63
N ILE B 196 14.50 -25.77 7.45
CA ILE B 196 14.53 -24.32 7.21
C ILE B 196 13.76 -23.97 5.95
N ARG B 197 13.91 -24.79 4.90
CA ARG B 197 13.22 -24.55 3.66
C ARG B 197 11.70 -24.80 3.80
N LYS B 198 11.32 -25.63 4.76
CA LYS B 198 9.91 -25.93 4.95
C LYS B 198 9.25 -24.78 5.67
N LYS B 199 9.99 -24.23 6.63
CA LYS B 199 9.59 -23.02 7.32
C LYS B 199 9.40 -21.85 6.35
N MET B 200 10.12 -21.84 5.23
CA MET B 200 9.88 -20.86 4.17
C MET B 200 8.58 -21.15 3.43
N SER B 201 8.44 -22.36 2.87
CA SER B 201 7.26 -22.64 2.04
C SER B 201 5.97 -22.63 2.84
N ASP B 202 5.99 -22.87 4.15
CA ASP B 202 4.77 -22.82 4.94
C ASP B 202 4.21 -21.40 5.07
N GLN B 203 5.02 -20.37 4.80
CA GLN B 203 4.54 -18.99 4.76
C GLN B 203 3.95 -18.61 3.42
N VAL B 204 4.15 -19.43 2.38
CA VAL B 204 3.70 -19.14 1.03
C VAL B 204 2.33 -19.77 0.84
N ALA B 205 1.35 -18.97 0.34
CA ALA B 205 0.02 -19.53 0.10
C ALA B 205 0.06 -20.71 -0.86
N LEU B 206 0.89 -20.62 -1.91
CA LEU B 206 1.02 -21.75 -2.85
C LEU B 206 1.86 -22.90 -2.29
N ASN B 207 2.41 -22.74 -1.08
CA ASN B 207 3.01 -23.85 -0.33
C ASN B 207 4.25 -24.43 -1.01
N ARG B 208 5.07 -23.57 -1.62
CA ARG B 208 6.29 -24.01 -2.30
C ARG B 208 7.15 -22.78 -2.55
N LEU B 209 8.46 -23.03 -2.70
CA LEU B 209 9.35 -21.99 -3.19
C LEU B 209 9.12 -21.77 -4.68
N GLY B 210 9.33 -20.54 -5.14
CA GLY B 210 9.27 -20.25 -6.56
C GLY B 210 10.54 -20.71 -7.28
N GLU B 211 10.54 -20.51 -8.59
CA GLU B 211 11.67 -20.84 -9.45
C GLU B 211 12.17 -19.60 -10.18
N PRO B 212 13.46 -19.55 -10.56
CA PRO B 212 13.95 -18.40 -11.34
C PRO B 212 13.10 -18.09 -12.58
N GLN B 213 12.59 -19.12 -13.26
CA GLN B 213 11.75 -18.91 -14.43
C GLN B 213 10.49 -18.11 -14.11
N ASP B 214 9.93 -18.25 -12.89
CA ASP B 214 8.78 -17.43 -12.51
C ASP B 214 9.12 -15.94 -12.57
N ILE B 215 10.33 -15.56 -12.14
CA ILE B 215 10.74 -14.16 -12.21
C ILE B 215 11.00 -13.77 -13.66
N ALA B 216 11.66 -14.65 -14.42
CA ALA B 216 11.91 -14.39 -15.84
C ALA B 216 10.61 -14.19 -16.60
N ASN B 217 9.56 -14.95 -16.25
CA ASN B 217 8.27 -14.79 -16.92
C ASN B 217 7.69 -13.40 -16.68
N ALA B 218 7.81 -12.91 -15.43
CA ALA B 218 7.29 -11.59 -15.10
C ALA B 218 8.08 -10.48 -15.80
N VAL B 219 9.41 -10.62 -15.85
CA VAL B 219 10.25 -9.64 -16.54
C VAL B 219 9.95 -9.65 -18.02
N SER B 220 9.83 -10.84 -18.61
CA SER B 220 9.48 -10.97 -20.03
C SER B 220 8.16 -10.29 -20.35
N PHE B 221 7.15 -10.47 -19.48
CA PHE B 221 5.86 -9.80 -19.67
C PHE B 221 6.06 -8.28 -19.70
N LEU B 222 6.73 -7.74 -18.68
CA LEU B 222 6.89 -6.29 -18.60
C LEU B 222 7.71 -5.74 -19.76
N ALA B 223 8.70 -6.50 -20.24
CA ALA B 223 9.55 -6.04 -21.35
C ALA B 223 8.85 -6.11 -22.71
N SER B 224 7.66 -6.70 -22.79
CA SER B 224 6.99 -6.93 -24.06
C SER B 224 5.97 -5.83 -24.38
N ASP B 225 5.45 -5.89 -25.61
CA ASP B 225 4.34 -5.01 -25.99
C ASP B 225 3.01 -5.39 -25.33
N LYS B 226 2.92 -6.49 -24.57
CA LYS B 226 1.74 -6.78 -23.78
C LYS B 226 1.66 -5.96 -22.49
N ALA B 227 2.70 -5.15 -22.13
CA ALA B 227 2.73 -4.39 -20.88
C ALA B 227 2.99 -2.91 -21.14
N GLY B 228 2.66 -2.42 -22.33
CA GLY B 228 2.98 -1.06 -22.72
C GLY B 228 2.23 0.03 -21.97
N TYR B 229 1.16 -0.32 -21.25
CA TYR B 229 0.42 0.64 -20.45
C TYR B 229 0.64 0.41 -18.96
N ILE B 230 1.69 -0.30 -18.59
CA ILE B 230 2.05 -0.55 -17.19
C ILE B 230 3.35 0.20 -16.89
N THR B 231 3.29 1.16 -15.97
CA THR B 231 4.52 1.84 -15.56
C THR B 231 4.39 2.33 -14.11
N GLY B 232 5.55 2.39 -13.45
CA GLY B 232 5.60 2.80 -12.06
C GLY B 232 5.02 1.80 -11.08
N THR B 233 4.91 0.52 -11.45
CA THR B 233 4.29 -0.46 -10.55
C THR B 233 5.31 -1.44 -10.01
N VAL B 234 4.89 -2.21 -8.99
CA VAL B 234 5.63 -3.36 -8.50
C VAL B 234 4.82 -4.61 -8.85
N LEU B 235 5.44 -5.53 -9.57
CA LEU B 235 4.82 -6.82 -9.89
C LEU B 235 5.33 -7.84 -8.88
N HIS B 236 4.45 -8.28 -7.98
CA HIS B 236 4.80 -9.19 -6.89
C HIS B 236 4.72 -10.62 -7.38
N VAL B 237 5.81 -11.37 -7.23
CA VAL B 237 5.86 -12.76 -7.68
C VAL B 237 6.35 -13.58 -6.49
N ASN B 238 5.44 -13.85 -5.55
CA ASN B 238 5.86 -14.43 -4.27
C ASN B 238 4.93 -15.55 -3.81
N GLY B 239 4.04 -16.04 -4.66
CA GLY B 239 3.18 -17.14 -4.31
C GLY B 239 2.20 -16.86 -3.19
N GLY B 240 1.91 -15.59 -2.94
CA GLY B 240 1.05 -15.24 -1.83
C GLY B 240 1.74 -15.11 -0.48
N LEU B 241 3.07 -15.16 -0.45
CA LEU B 241 3.82 -14.82 0.76
C LEU B 241 3.46 -13.43 1.28
N TYR B 242 3.28 -12.46 0.37
CA TYR B 242 2.88 -11.09 0.69
C TYR B 242 1.84 -10.65 -0.33
N MET B 243 0.69 -10.16 0.14
CA MET B 243 -0.41 -9.81 -0.75
C MET B 243 -0.75 -8.32 -0.63
N ALA B 244 -0.62 -7.59 -1.74
CA ALA B 244 -1.04 -6.17 -1.76
C ALA B 244 -1.64 -5.76 -3.11
N GLN C 3 -14.90 -28.19 -25.60
CA GLN C 3 -15.20 -29.58 -25.22
C GLN C 3 -14.01 -30.25 -24.51
N GLU C 4 -12.81 -30.19 -25.12
CA GLU C 4 -11.59 -30.72 -24.51
C GLU C 4 -10.57 -29.66 -24.09
N ARG C 5 -10.71 -28.43 -24.56
CA ARG C 5 -9.91 -27.32 -24.05
C ARG C 5 -10.34 -27.01 -22.61
N LYS C 6 -9.47 -26.34 -21.83
CA LYS C 6 -9.96 -25.83 -20.55
C LYS C 6 -10.99 -24.74 -20.78
N VAL C 7 -12.00 -24.67 -19.90
CA VAL C 7 -13.09 -23.71 -20.03
C VAL C 7 -12.78 -22.46 -19.22
N ALA C 8 -12.95 -21.30 -19.84
CA ALA C 8 -12.89 -19.99 -19.19
C ALA C 8 -14.28 -19.36 -19.23
N LEU C 9 -14.70 -18.77 -18.12
CA LEU C 9 -15.95 -18.02 -18.04
C LEU C 9 -15.63 -16.54 -17.88
N VAL C 10 -16.10 -15.71 -18.81
CA VAL C 10 -15.86 -14.27 -18.80
C VAL C 10 -17.22 -13.59 -18.71
N THR C 11 -17.50 -12.94 -17.58
CA THR C 11 -18.78 -12.24 -17.48
C THR C 11 -18.70 -10.88 -18.17
N GLY C 12 -19.83 -10.44 -18.71
CA GLY C 12 -19.89 -9.16 -19.39
C GLY C 12 -18.98 -9.04 -20.61
N ALA C 13 -19.06 -10.02 -21.52
CA ALA C 13 -18.12 -10.13 -22.62
C ALA C 13 -18.60 -9.44 -23.89
N SER C 14 -19.71 -8.71 -23.84
CA SER C 14 -20.29 -8.21 -25.08
C SER C 14 -19.37 -7.21 -25.80
N ARG C 15 -18.75 -6.28 -25.07
CA ARG C 15 -17.92 -5.19 -25.63
C ARG C 15 -16.84 -4.75 -24.67
N GLY C 16 -16.01 -3.81 -25.17
CA GLY C 16 -14.99 -3.20 -24.34
C GLY C 16 -14.03 -4.23 -23.78
N ILE C 17 -13.72 -4.07 -22.50
CA ILE C 17 -12.72 -4.89 -21.83
C ILE C 17 -13.13 -6.35 -21.83
N GLY C 18 -14.40 -6.63 -21.52
CA GLY C 18 -14.86 -8.01 -21.49
C GLY C 18 -14.72 -8.72 -22.83
N ALA C 19 -15.07 -8.04 -23.92
CA ALA C 19 -14.94 -8.63 -25.24
C ALA C 19 -13.48 -8.90 -25.59
N ALA C 20 -12.59 -7.94 -25.29
CA ALA C 20 -11.18 -8.14 -25.58
C ALA C 20 -10.60 -9.30 -24.77
N ILE C 21 -11.00 -9.42 -23.49
CA ILE C 21 -10.56 -10.53 -22.67
C ILE C 21 -11.00 -11.86 -23.29
N ALA C 22 -12.27 -11.95 -23.65
CA ALA C 22 -12.80 -13.21 -24.19
C ALA C 22 -12.08 -13.60 -25.48
N GLN C 23 -11.87 -12.64 -26.39
CA GLN C 23 -11.18 -12.95 -27.63
C GLN C 23 -9.73 -13.36 -27.37
N GLN C 24 -9.06 -12.70 -26.43
CA GLN C 24 -7.67 -13.05 -26.14
C GLN C 24 -7.56 -14.45 -25.54
N LEU C 25 -8.45 -14.80 -24.60
CA LEU C 25 -8.39 -16.14 -24.01
C LEU C 25 -8.67 -17.21 -25.06
N ILE C 26 -9.51 -16.91 -26.06
CA ILE C 26 -9.69 -17.84 -27.17
C ILE C 26 -8.37 -18.02 -27.93
N GLN C 27 -7.71 -16.91 -28.26
CA GLN C 27 -6.40 -16.98 -28.90
C GLN C 27 -5.42 -17.79 -28.07
N ASP C 28 -5.50 -17.69 -26.74
CA ASP C 28 -4.61 -18.43 -25.84
C ASP C 28 -4.90 -19.93 -25.81
N GLY C 29 -6.05 -20.37 -26.31
CA GLY C 29 -6.36 -21.79 -26.33
C GLY C 29 -7.48 -22.21 -25.40
N TYR C 30 -8.12 -21.28 -24.71
CA TYR C 30 -9.25 -21.63 -23.86
C TYR C 30 -10.53 -21.73 -24.69
N PHE C 31 -11.45 -22.57 -24.23
CA PHE C 31 -12.84 -22.50 -24.67
C PHE C 31 -13.55 -21.47 -23.80
N VAL C 32 -14.04 -20.40 -24.41
CA VAL C 32 -14.52 -19.26 -23.63
C VAL C 32 -16.04 -19.22 -23.66
N VAL C 33 -16.66 -19.31 -22.48
CA VAL C 33 -18.07 -18.96 -22.32
C VAL C 33 -18.10 -17.49 -21.89
N GLY C 34 -18.69 -16.64 -22.72
CA GLY C 34 -18.90 -15.24 -22.39
C GLY C 34 -20.36 -15.01 -22.05
N THR C 35 -20.63 -14.08 -21.12
CA THR C 35 -22.00 -13.79 -20.76
C THR C 35 -22.40 -12.38 -21.21
N ALA C 36 -23.68 -12.24 -21.53
CA ALA C 36 -24.31 -10.99 -21.90
C ALA C 36 -25.56 -10.78 -21.06
N THR C 37 -26.06 -9.55 -21.07
CA THR C 37 -27.21 -9.20 -20.25
C THR C 37 -28.55 -9.66 -20.86
N SER C 38 -28.56 -10.19 -22.08
CA SER C 38 -29.81 -10.58 -22.73
C SER C 38 -29.57 -11.78 -23.63
N GLU C 39 -30.65 -12.41 -24.07
CA GLU C 39 -30.50 -13.57 -24.96
C GLU C 39 -29.93 -13.16 -26.31
N SER C 40 -30.39 -12.02 -26.84
CA SER C 40 -29.86 -11.57 -28.13
C SER C 40 -28.38 -11.23 -28.02
N GLY C 41 -27.99 -10.64 -26.88
CA GLY C 41 -26.57 -10.41 -26.62
C GLY C 41 -25.79 -11.71 -26.57
N ALA C 42 -26.35 -12.73 -25.91
CA ALA C 42 -25.67 -14.02 -25.82
C ALA C 42 -25.53 -14.67 -27.20
N GLN C 43 -26.57 -14.56 -28.03
CA GLN C 43 -26.48 -15.13 -29.37
C GLN C 43 -25.37 -14.46 -30.19
N LYS C 44 -25.21 -13.16 -30.02
CA LYS C 44 -24.13 -12.50 -30.74
C LYS C 44 -22.77 -12.98 -30.26
N LEU C 45 -22.63 -13.31 -28.97
CA LEU C 45 -21.39 -13.90 -28.49
C LEU C 45 -21.19 -15.29 -29.09
N THR C 46 -22.25 -16.10 -29.09
CA THR C 46 -22.18 -17.41 -29.71
C THR C 46 -21.73 -17.31 -31.17
N ASP C 47 -22.32 -16.38 -31.93
CA ASP C 47 -21.92 -16.20 -33.32
C ASP C 47 -20.44 -15.83 -33.43
N SER C 48 -19.99 -14.92 -32.58
CA SER C 48 -18.61 -14.46 -32.66
C SER C 48 -17.62 -15.57 -32.28
N PHE C 49 -17.92 -16.37 -31.25
CA PHE C 49 -16.93 -17.33 -30.75
C PHE C 49 -16.86 -18.60 -31.61
N GLY C 50 -17.95 -18.97 -32.27
CA GLY C 50 -17.97 -20.19 -33.06
C GLY C 50 -17.64 -21.42 -32.25
N GLU C 51 -16.80 -22.28 -32.86
CA GLU C 51 -16.27 -23.53 -32.31
C GLU C 51 -15.56 -23.37 -30.97
N GLN C 52 -15.07 -22.16 -30.66
CA GLN C 52 -14.16 -22.00 -29.54
C GLN C 52 -14.77 -21.29 -28.37
N GLY C 53 -16.08 -21.11 -28.37
CA GLY C 53 -16.75 -20.62 -27.18
C GLY C 53 -18.25 -20.72 -27.30
N ALA C 54 -18.93 -20.06 -26.37
CA ALA C 54 -20.39 -20.03 -26.33
C ALA C 54 -20.81 -18.77 -25.60
N GLY C 55 -21.99 -18.26 -25.94
CA GLY C 55 -22.58 -17.12 -25.26
C GLY C 55 -23.77 -17.57 -24.40
N LEU C 56 -23.87 -16.99 -23.21
CA LEU C 56 -25.00 -17.27 -22.32
C LEU C 56 -25.49 -15.96 -21.71
N ALA C 57 -26.79 -15.88 -21.50
CA ALA C 57 -27.37 -14.71 -20.83
C ALA C 57 -27.24 -14.88 -19.33
N LEU C 58 -26.86 -13.80 -18.65
CA LEU C 58 -26.64 -13.88 -17.20
C LEU C 58 -26.84 -12.50 -16.59
N ASP C 59 -27.77 -12.39 -15.65
CA ASP C 59 -27.87 -11.25 -14.75
C ASP C 59 -27.06 -11.59 -13.50
N VAL C 60 -25.88 -10.96 -13.34
CA VAL C 60 -25.00 -11.33 -12.22
C VAL C 60 -25.55 -10.94 -10.86
N ARG C 61 -26.67 -10.21 -10.81
CA ARG C 61 -27.33 -9.92 -9.53
C ARG C 61 -28.14 -11.07 -9.00
N ASN C 62 -28.29 -12.13 -9.81
CA ASN C 62 -29.21 -13.23 -9.58
C ASN C 62 -28.48 -14.51 -9.21
N LEU C 63 -28.59 -14.95 -7.95
CA LEU C 63 -27.92 -16.20 -7.56
C LEU C 63 -28.43 -17.39 -8.35
N ASP C 64 -29.75 -17.48 -8.57
CA ASP C 64 -30.32 -18.61 -9.32
C ASP C 64 -29.75 -18.68 -10.75
N GLU C 65 -29.56 -17.53 -11.39
CA GLU C 65 -29.00 -17.53 -12.74
C GLU C 65 -27.51 -17.88 -12.73
N ILE C 66 -26.77 -17.37 -11.74
CA ILE C 66 -25.37 -17.75 -11.59
C ILE C 66 -25.25 -19.27 -11.50
N GLU C 67 -26.07 -19.90 -10.63
CA GLU C 67 -26.01 -21.36 -10.47
C GLU C 67 -26.46 -22.10 -11.72
N ALA C 68 -27.49 -21.60 -12.40
CA ALA C 68 -27.95 -22.24 -13.65
C ALA C 68 -26.89 -22.13 -14.74
N VAL C 69 -26.20 -20.99 -14.83
CA VAL C 69 -25.20 -20.81 -15.88
C VAL C 69 -24.00 -21.71 -15.64
N VAL C 70 -23.48 -21.75 -14.40
CA VAL C 70 -22.30 -22.59 -14.18
C VAL C 70 -22.68 -24.07 -14.34
N SER C 71 -23.86 -24.46 -13.88
CA SER C 71 -24.28 -25.85 -14.05
C SER C 71 -24.38 -26.20 -15.53
N HIS C 72 -24.94 -25.29 -16.34
CA HIS C 72 -25.01 -25.49 -17.78
C HIS C 72 -23.64 -25.67 -18.40
N ILE C 73 -22.67 -24.85 -17.98
CA ILE C 73 -21.30 -25.00 -18.52
C ILE C 73 -20.72 -26.36 -18.13
N GLU C 74 -20.91 -26.76 -16.87
CA GLU C 74 -20.38 -28.03 -16.40
C GLU C 74 -20.98 -29.20 -17.18
N GLN C 75 -22.29 -29.12 -17.46
CA GLN C 75 -22.96 -30.22 -18.15
C GLN C 75 -22.56 -30.31 -19.62
N ASN C 76 -22.31 -29.18 -20.27
CA ASN C 76 -22.10 -29.16 -21.72
C ASN C 76 -20.65 -29.00 -22.15
N TYR C 77 -19.79 -28.38 -21.35
CA TYR C 77 -18.45 -28.06 -21.85
C TYR C 77 -17.33 -28.54 -20.96
N GLY C 78 -17.50 -28.46 -19.64
CA GLY C 78 -16.46 -28.86 -18.71
C GLY C 78 -16.43 -27.93 -17.51
N PRO C 79 -15.56 -28.22 -16.54
CA PRO C 79 -15.49 -27.38 -15.34
C PRO C 79 -14.91 -26.01 -15.69
N VAL C 80 -15.39 -24.99 -14.98
CA VAL C 80 -14.86 -23.64 -15.16
C VAL C 80 -13.49 -23.59 -14.47
N LEU C 81 -12.43 -23.48 -15.26
CA LEU C 81 -11.09 -23.46 -14.68
C LEU C 81 -10.43 -22.08 -14.72
N VAL C 82 -10.94 -21.16 -15.54
CA VAL C 82 -10.57 -19.74 -15.49
C VAL C 82 -11.86 -18.94 -15.35
N LEU C 83 -11.95 -18.14 -14.30
CA LEU C 83 -13.12 -17.29 -14.07
C LEU C 83 -12.64 -15.85 -14.10
N VAL C 84 -13.22 -15.05 -15.01
CA VAL C 84 -12.92 -13.62 -15.07
C VAL C 84 -14.19 -12.87 -14.68
N ASN C 85 -14.20 -12.26 -13.49
CA ASN C 85 -15.33 -11.45 -13.04
C ASN C 85 -15.16 -10.03 -13.56
N ASN C 86 -15.98 -9.65 -14.54
CA ASN C 86 -15.83 -8.37 -15.23
C ASN C 86 -17.13 -7.58 -15.16
N ALA C 87 -17.11 -6.48 -14.41
CA ALA C 87 -18.25 -5.56 -14.36
C ALA C 87 -17.73 -4.14 -14.41
N GLY C 88 -18.46 -3.28 -15.11
CA GLY C 88 -18.08 -1.88 -15.19
C GLY C 88 -19.17 -0.86 -14.90
N ILE C 89 -20.39 -1.30 -14.58
CA ILE C 89 -21.49 -0.36 -14.37
C ILE C 89 -21.19 0.56 -13.18
N THR C 90 -21.54 1.83 -13.33
CA THR C 90 -21.36 2.81 -12.26
C THR C 90 -22.70 3.46 -11.95
N LYS C 91 -22.84 3.92 -10.70
CA LYS C 91 -23.96 4.76 -10.28
C LYS C 91 -23.37 5.83 -9.35
N ASP C 92 -22.57 6.72 -9.96
CA ASP C 92 -21.87 7.76 -9.22
C ASP C 92 -22.83 8.79 -8.66
N ASN C 93 -22.44 9.40 -7.53
CA ASN C 93 -23.18 10.48 -6.87
C ASN C 93 -22.40 10.92 -5.64
N LEU C 94 -22.33 12.22 -5.36
CA LEU C 94 -21.91 12.66 -4.03
C LEU C 94 -22.77 11.98 -2.97
N LEU C 95 -22.17 11.75 -1.79
CA LEU C 95 -22.83 10.90 -0.79
C LEU C 95 -24.25 11.37 -0.45
N LEU C 96 -24.43 12.70 -0.40
CA LEU C 96 -25.72 13.28 -0.08
C LEU C 96 -26.80 12.96 -1.11
N ARG C 97 -26.43 12.52 -2.33
CA ARG C 97 -27.36 12.17 -3.38
C ARG C 97 -27.28 10.69 -3.74
N MET C 98 -26.50 9.90 -3.00
CA MET C 98 -26.32 8.48 -3.32
C MET C 98 -27.38 7.67 -2.59
N SER C 99 -28.34 7.14 -3.34
CA SER C 99 -29.48 6.47 -2.75
C SER C 99 -29.10 5.07 -2.27
N GLU C 100 -30.00 4.51 -1.44
CA GLU C 100 -29.89 3.10 -1.07
C GLU C 100 -29.74 2.21 -2.29
N ASP C 101 -30.50 2.48 -3.34
CA ASP C 101 -30.40 1.61 -4.51
C ASP C 101 -29.05 1.78 -5.19
N ASP C 102 -28.64 3.03 -5.35
CA ASP C 102 -27.35 3.27 -5.99
C ASP C 102 -26.24 2.53 -5.24
N TRP C 103 -26.28 2.52 -3.92
CA TRP C 103 -25.32 1.78 -3.13
C TRP C 103 -25.49 0.28 -3.34
N ASP C 104 -26.70 -0.23 -3.12
CA ASP C 104 -26.92 -1.67 -3.09
C ASP C 104 -26.64 -2.31 -4.44
N ASP C 105 -27.06 -1.65 -5.52
CA ASP C 105 -26.95 -2.26 -6.84
C ASP C 105 -25.49 -2.40 -7.25
N ILE C 106 -24.67 -1.37 -6.98
CA ILE C 106 -23.25 -1.43 -7.32
C ILE C 106 -22.52 -2.48 -6.48
N LEU C 107 -22.82 -2.54 -5.18
CA LEU C 107 -22.19 -3.57 -4.35
C LEU C 107 -22.60 -4.97 -4.77
N ASN C 108 -23.84 -5.13 -5.24
CA ASN C 108 -24.32 -6.46 -5.66
C ASN C 108 -23.70 -6.89 -6.99
N ILE C 109 -23.68 -5.98 -7.97
CA ILE C 109 -23.19 -6.30 -9.31
C ILE C 109 -21.69 -6.59 -9.28
N HIS C 110 -20.94 -5.79 -8.51
CA HIS C 110 -19.49 -5.91 -8.49
C HIS C 110 -19.01 -6.91 -7.45
N LEU C 111 -19.29 -6.65 -6.17
CA LEU C 111 -18.67 -7.44 -5.09
C LEU C 111 -19.44 -8.74 -4.80
N LYS C 112 -20.77 -8.66 -4.63
CA LYS C 112 -21.51 -9.89 -4.34
C LYS C 112 -21.34 -10.91 -5.46
N ALA C 113 -21.34 -10.45 -6.72
CA ALA C 113 -21.16 -11.35 -7.85
C ALA C 113 -19.81 -12.07 -7.78
N VAL C 114 -18.76 -11.36 -7.38
CA VAL C 114 -17.45 -12.01 -7.23
C VAL C 114 -17.51 -13.09 -6.15
N TYR C 115 -18.15 -12.79 -5.01
CA TYR C 115 -18.32 -13.80 -3.97
C TYR C 115 -19.09 -15.02 -4.50
N ARG C 116 -20.21 -14.78 -5.19
CA ARG C 116 -21.08 -15.90 -5.59
C ARG C 116 -20.44 -16.77 -6.66
N LEU C 117 -19.86 -16.15 -7.68
CA LEU C 117 -19.27 -16.91 -8.79
C LEU C 117 -17.99 -17.61 -8.36
N SER C 118 -17.15 -16.94 -7.55
CA SER C 118 -15.95 -17.60 -7.04
C SER C 118 -16.31 -18.82 -6.21
N LYS C 119 -17.29 -18.68 -5.31
CA LYS C 119 -17.73 -19.81 -4.50
C LYS C 119 -18.17 -20.96 -5.39
N ARG C 120 -18.92 -20.65 -6.46
CA ARG C 120 -19.53 -21.69 -7.28
C ARG C 120 -18.52 -22.45 -8.13
N VAL C 121 -17.36 -21.87 -8.47
CA VAL C 121 -16.39 -22.57 -9.31
C VAL C 121 -15.30 -23.29 -8.49
N LEU C 122 -15.31 -23.19 -7.16
CA LEU C 122 -14.19 -23.72 -6.36
C LEU C 122 -14.04 -25.23 -6.49
N LYS C 123 -15.17 -25.95 -6.52
CA LYS C 123 -15.16 -27.42 -6.55
C LYS C 123 -14.39 -27.94 -7.76
N GLY C 124 -14.73 -27.43 -8.95
CA GLY C 124 -14.09 -27.92 -10.17
C GLY C 124 -12.62 -27.58 -10.23
N MET C 125 -12.25 -26.38 -9.77
CA MET C 125 -10.83 -26.02 -9.71
C MET C 125 -10.08 -26.88 -8.71
N THR C 126 -10.69 -27.11 -7.53
CA THR C 126 -10.08 -27.97 -6.52
C THR C 126 -9.83 -29.37 -7.06
N LYS C 127 -10.84 -29.93 -7.75
CA LYS C 127 -10.70 -31.27 -8.31
C LYS C 127 -9.63 -31.33 -9.39
N ALA C 128 -9.52 -30.27 -10.20
CA ALA C 128 -8.54 -30.24 -11.27
C ALA C 128 -7.11 -29.92 -10.77
N ARG C 129 -6.97 -29.50 -9.50
CA ARG C 129 -5.80 -28.84 -8.87
C ARG C 129 -5.16 -27.83 -9.82
N PHE C 130 -6.03 -27.10 -10.46
CA PHE C 130 -5.66 -25.97 -11.31
C PHE C 130 -6.79 -24.95 -11.27
N GLY C 131 -6.45 -23.68 -11.20
CA GLY C 131 -7.49 -22.68 -11.28
C GLY C 131 -6.94 -21.27 -11.39
N ARG C 132 -7.70 -20.40 -12.05
CA ARG C 132 -7.40 -18.98 -12.16
C ARG C 132 -8.69 -18.22 -11.88
N ILE C 133 -8.72 -17.43 -10.83
CA ILE C 133 -9.80 -16.47 -10.62
C ILE C 133 -9.18 -15.10 -10.79
N ILE C 134 -9.71 -14.33 -11.75
CA ILE C 134 -9.14 -13.03 -12.11
C ILE C 134 -10.26 -12.01 -12.05
N ASN C 135 -10.17 -11.09 -11.11
CA ASN C 135 -11.23 -10.11 -10.85
C ASN C 135 -10.85 -8.76 -11.44
N ILE C 136 -11.76 -8.17 -12.21
CA ILE C 136 -11.52 -6.82 -12.74
C ILE C 136 -11.88 -5.82 -11.64
N SER C 137 -10.85 -5.18 -11.09
CA SER C 137 -11.01 -4.15 -10.07
C SER C 137 -11.01 -2.78 -10.76
N SER C 138 -10.37 -1.79 -10.14
CA SER C 138 -10.24 -0.46 -10.74
C SER C 138 -9.19 0.34 -9.99
N VAL C 139 -8.54 1.26 -10.72
CA VAL C 139 -7.67 2.26 -10.09
C VAL C 139 -8.40 2.98 -8.95
N VAL C 140 -9.73 3.11 -9.06
CA VAL C 140 -10.54 3.84 -8.11
C VAL C 140 -10.56 3.22 -6.71
N ALA C 141 -10.25 1.93 -6.58
CA ALA C 141 -10.13 1.31 -5.26
C ALA C 141 -8.96 1.88 -4.46
N HIS C 142 -8.04 2.56 -5.13
CA HIS C 142 -6.83 3.12 -4.54
C HIS C 142 -6.69 4.61 -4.71
N PHE C 143 -7.11 5.14 -5.86
CA PHE C 143 -7.01 6.55 -6.19
C PHE C 143 -8.40 7.17 -5.99
N ALA C 144 -8.58 7.82 -4.84
CA ALA C 144 -9.89 8.31 -4.43
C ALA C 144 -10.34 9.49 -5.28
N ASN C 145 -11.59 9.50 -5.74
CA ASN C 145 -12.19 10.78 -6.09
C ASN C 145 -13.65 10.83 -5.69
N PRO C 146 -14.17 12.04 -5.51
CA PRO C 146 -15.51 12.23 -4.97
C PRO C 146 -16.55 11.62 -5.89
N GLY C 147 -17.68 11.23 -5.30
CA GLY C 147 -18.80 10.73 -6.06
C GLY C 147 -18.77 9.26 -6.42
N GLN C 148 -17.72 8.54 -6.07
CA GLN C 148 -17.60 7.12 -6.38
C GLN C 148 -17.53 6.22 -5.14
N ALA C 149 -18.11 6.62 -4.01
CA ALA C 149 -17.89 5.85 -2.79
C ALA C 149 -18.35 4.41 -2.96
N ASN C 150 -19.46 4.18 -3.69
CA ASN C 150 -19.97 2.82 -3.80
C ASN C 150 -19.09 1.96 -4.71
N TYR C 151 -18.69 2.49 -5.86
CA TYR C 151 -17.82 1.75 -6.77
C TYR C 151 -16.46 1.46 -6.14
N SER C 152 -15.88 2.48 -5.50
CA SER C 152 -14.59 2.32 -4.84
C SER C 152 -14.68 1.29 -3.71
N ALA C 153 -15.72 1.35 -2.89
CA ALA C 153 -15.85 0.36 -1.81
C ALA C 153 -16.00 -1.05 -2.37
N ALA C 154 -16.78 -1.20 -3.44
CA ALA C 154 -16.97 -2.52 -4.03
C ALA C 154 -15.67 -3.07 -4.60
N LYS C 155 -14.90 -2.24 -5.32
CA LYS C 155 -13.66 -2.73 -5.93
C LYS C 155 -12.61 -3.05 -4.86
N ALA C 156 -12.50 -2.21 -3.82
CA ALA C 156 -11.57 -2.51 -2.74
C ALA C 156 -11.98 -3.79 -2.01
N GLY C 157 -13.29 -3.98 -1.82
CA GLY C 157 -13.77 -5.22 -1.23
C GLY C 157 -13.40 -6.42 -2.06
N ILE C 158 -13.48 -6.30 -3.39
CA ILE C 158 -13.08 -7.38 -4.29
C ILE C 158 -11.61 -7.74 -4.08
N GLU C 159 -10.75 -6.72 -3.94
CA GLU C 159 -9.33 -7.00 -3.79
C GLU C 159 -9.03 -7.69 -2.47
N ALA C 160 -9.71 -7.27 -1.39
CA ALA C 160 -9.53 -7.92 -0.09
C ALA C 160 -10.11 -9.34 -0.09
N PHE C 161 -11.30 -9.50 -0.68
CA PHE C 161 -11.86 -10.84 -0.90
C PHE C 161 -10.85 -11.77 -1.58
N SER C 162 -10.23 -11.26 -2.65
CA SER C 162 -9.27 -12.05 -3.43
C SER C 162 -8.08 -12.49 -2.58
N ARG C 163 -7.59 -11.62 -1.70
CA ARG C 163 -6.48 -11.99 -0.83
C ARG C 163 -6.88 -13.13 0.11
N SER C 164 -8.04 -13.00 0.77
CA SER C 164 -8.55 -14.08 1.63
C SER C 164 -8.66 -15.38 0.88
N LEU C 165 -9.30 -15.35 -0.28
CA LEU C 165 -9.50 -16.58 -1.05
C LEU C 165 -8.18 -17.14 -1.57
N ALA C 166 -7.24 -16.26 -1.96
CA ALA C 166 -5.91 -16.74 -2.37
C ALA C 166 -5.25 -17.55 -1.24
N LYS C 167 -5.39 -17.09 0.01
CA LYS C 167 -4.84 -17.86 1.13
C LYS C 167 -5.53 -19.22 1.24
N GLU C 168 -6.88 -19.24 1.07
CA GLU C 168 -7.66 -20.47 1.23
CA GLU C 168 -7.65 -20.48 1.24
C GLU C 168 -7.31 -21.50 0.17
N MET C 169 -7.09 -21.07 -1.09
CA MET C 169 -6.95 -21.99 -2.21
C MET C 169 -5.49 -22.23 -2.63
N GLY C 170 -4.53 -21.53 -2.00
CA GLY C 170 -3.16 -21.58 -2.48
C GLY C 170 -2.55 -22.98 -2.47
N SER C 171 -2.83 -23.77 -1.43
CA SER C 171 -2.19 -25.09 -1.37
C SER C 171 -2.59 -25.98 -2.54
N ARG C 172 -3.80 -25.77 -3.10
CA ARG C 172 -4.27 -26.49 -4.28
C ARG C 172 -3.89 -25.80 -5.60
N GLN C 173 -2.93 -24.85 -5.57
CA GLN C 173 -2.28 -24.22 -6.72
C GLN C 173 -3.23 -23.34 -7.53
N ILE C 174 -4.42 -23.05 -7.02
CA ILE C 174 -5.36 -22.11 -7.62
C ILE C 174 -4.95 -20.68 -7.27
N THR C 175 -4.81 -19.81 -8.28
CA THR C 175 -4.42 -18.44 -7.98
C THR C 175 -5.64 -17.52 -8.10
N VAL C 176 -5.64 -16.47 -7.28
CA VAL C 176 -6.73 -15.50 -7.22
C VAL C 176 -6.09 -14.12 -7.24
N ASN C 177 -6.36 -13.37 -8.30
CA ASN C 177 -5.71 -12.06 -8.52
C ASN C 177 -6.73 -11.06 -9.02
N SER C 178 -6.37 -9.79 -8.97
CA SER C 178 -7.17 -8.72 -9.55
C SER C 178 -6.35 -7.97 -10.59
N VAL C 179 -7.03 -7.46 -11.62
CA VAL C 179 -6.46 -6.51 -12.57
C VAL C 179 -7.20 -5.19 -12.39
N ALA C 180 -6.45 -4.10 -12.19
CA ALA C 180 -7.05 -2.80 -11.89
C ALA C 180 -6.83 -1.84 -13.06
N PRO C 181 -7.80 -1.69 -13.98
CA PRO C 181 -7.62 -0.75 -15.08
C PRO C 181 -7.65 0.70 -14.61
N GLY C 182 -6.91 1.55 -15.33
CA GLY C 182 -7.04 2.99 -15.17
C GLY C 182 -8.10 3.55 -16.10
N PHE C 183 -7.79 4.66 -16.77
CA PHE C 183 -8.67 5.25 -17.79
C PHE C 183 -8.50 4.47 -19.10
N ILE C 184 -9.50 3.67 -19.45
CA ILE C 184 -9.46 2.84 -20.66
C ILE C 184 -10.49 3.40 -21.65
N ALA C 185 -10.08 3.58 -22.90
CA ALA C 185 -10.99 4.13 -23.90
C ALA C 185 -12.11 3.14 -24.19
N THR C 186 -13.34 3.64 -24.18
CA THR C 186 -14.52 2.82 -24.41
C THR C 186 -15.45 3.57 -25.36
N GLU C 187 -16.54 2.91 -25.76
CA GLU C 187 -17.57 3.61 -26.52
C GLU C 187 -18.02 4.86 -25.78
N MET C 188 -18.00 4.81 -24.46
CA MET C 188 -18.51 5.89 -23.65
C MET C 188 -17.51 7.04 -23.53
N THR C 189 -16.20 6.74 -23.41
CA THR C 189 -15.21 7.82 -23.45
C THR C 189 -15.06 8.40 -24.85
N ASP C 190 -15.33 7.60 -25.89
CA ASP C 190 -15.41 8.16 -27.24
C ASP C 190 -16.47 9.26 -27.32
N ALA C 191 -17.57 9.09 -26.58
CA ALA C 191 -18.67 10.03 -26.57
C ALA C 191 -18.39 11.29 -25.78
N LEU C 192 -17.43 11.26 -24.87
CA LEU C 192 -17.11 12.45 -24.10
C LEU C 192 -16.50 13.52 -25.00
N SER C 193 -16.45 14.73 -24.48
CA SER C 193 -15.72 15.79 -25.16
C SER C 193 -14.22 15.59 -25.02
N GLU C 194 -13.55 15.59 -26.18
CA GLU C 194 -12.24 16.14 -26.50
C GLU C 194 -11.53 16.84 -25.34
N ASP C 195 -12.23 17.66 -24.56
CA ASP C 195 -11.60 18.44 -23.49
C ASP C 195 -11.58 17.64 -22.21
N ILE C 196 -12.72 17.02 -21.90
CA ILE C 196 -12.85 16.13 -20.75
C ILE C 196 -11.89 14.95 -20.87
N ARG C 197 -11.75 14.41 -22.09
CA ARG C 197 -10.85 13.29 -22.31
C ARG C 197 -9.38 13.71 -22.18
N LYS C 198 -9.10 14.98 -22.41
CA LYS C 198 -7.73 15.48 -22.32
C LYS C 198 -7.36 15.63 -20.87
N LYS C 199 -8.30 16.10 -20.10
CA LYS C 199 -8.02 16.18 -18.68
C LYS C 199 -7.80 14.80 -18.10
N MET C 200 -8.42 13.74 -18.66
CA MET C 200 -8.09 12.39 -18.25
C MET C 200 -6.65 12.04 -18.59
N SER C 201 -6.27 12.14 -19.87
CA SER C 201 -4.94 11.69 -20.27
C SER C 201 -3.83 12.54 -19.66
N ASP C 202 -4.09 13.79 -19.28
CA ASP C 202 -3.04 14.60 -18.66
C ASP C 202 -2.68 14.11 -17.26
N GLN C 203 -3.53 13.29 -16.64
CA GLN C 203 -3.20 12.66 -15.36
C GLN C 203 -2.40 11.37 -15.52
N VAL C 204 -2.31 10.84 -16.74
CA VAL C 204 -1.65 9.58 -17.02
C VAL C 204 -0.19 9.86 -17.40
N ALA C 205 0.76 9.18 -16.75
CA ALA C 205 2.16 9.40 -17.09
C ALA C 205 2.44 9.10 -18.57
N LEU C 206 1.83 8.05 -19.13
CA LEU C 206 2.00 7.76 -20.54
C LEU C 206 1.19 8.69 -21.45
N ASN C 207 0.40 9.60 -20.87
CA ASN C 207 -0.20 10.71 -21.61
C ASN C 207 -1.22 10.24 -22.66
N ARG C 208 -1.99 9.20 -22.33
CA ARG C 208 -3.00 8.67 -23.24
C ARG C 208 -3.93 7.77 -22.45
N LEU C 209 -5.15 7.60 -22.96
CA LEU C 209 -6.04 6.56 -22.44
C LEU C 209 -5.54 5.20 -22.90
N GLY C 210 -5.80 4.18 -22.06
CA GLY C 210 -5.50 2.82 -22.43
C GLY C 210 -6.54 2.27 -23.40
N GLU C 211 -6.32 1.02 -23.82
CA GLU C 211 -7.22 0.29 -24.70
C GLU C 211 -7.70 -1.00 -24.03
N PRO C 212 -8.88 -1.50 -24.40
CA PRO C 212 -9.33 -2.80 -23.84
C PRO C 212 -8.31 -3.91 -23.97
N GLN C 213 -7.56 -3.95 -25.08
CA GLN C 213 -6.54 -4.98 -25.27
C GLN C 213 -5.46 -4.93 -24.20
N ASP C 214 -5.13 -3.74 -23.66
CA ASP C 214 -4.18 -3.65 -22.56
C ASP C 214 -4.64 -4.46 -21.36
N ILE C 215 -5.94 -4.40 -21.05
CA ILE C 215 -6.48 -5.18 -19.93
C ILE C 215 -6.51 -6.66 -20.29
N ALA C 216 -6.91 -6.98 -21.54
CA ALA C 216 -6.91 -8.37 -21.99
C ALA C 216 -5.51 -8.97 -21.92
N ASN C 217 -4.47 -8.18 -22.23
CA ASN C 217 -3.11 -8.68 -22.15
C ASN C 217 -2.74 -9.07 -20.72
N ALA C 218 -3.14 -8.23 -19.76
CA ALA C 218 -2.83 -8.50 -18.35
C ALA C 218 -3.60 -9.74 -17.85
N VAL C 219 -4.87 -9.88 -18.24
CA VAL C 219 -5.66 -11.04 -17.85
C VAL C 219 -5.08 -12.30 -18.47
N SER C 220 -4.72 -12.23 -19.75
CA SER C 220 -4.10 -13.36 -20.44
C SER C 220 -2.82 -13.79 -19.75
N PHE C 221 -1.98 -12.84 -19.35
CA PHE C 221 -0.76 -13.17 -18.59
C PHE C 221 -1.10 -13.93 -17.32
N LEU C 222 -2.01 -13.39 -16.51
CA LEU C 222 -2.34 -14.03 -15.23
C LEU C 222 -2.98 -15.39 -15.42
N ALA C 223 -3.77 -15.58 -16.49
CA ALA C 223 -4.42 -16.86 -16.75
C ALA C 223 -3.48 -17.93 -17.28
N SER C 224 -2.24 -17.58 -17.61
CA SER C 224 -1.32 -18.49 -18.27
C SER C 224 -0.38 -19.18 -17.27
N ASP C 225 0.38 -20.15 -17.79
CA ASP C 225 1.44 -20.77 -16.98
C ASP C 225 2.65 -19.86 -16.75
N LYS C 226 2.62 -18.63 -17.29
CA LYS C 226 3.65 -17.60 -17.05
C LYS C 226 3.42 -16.86 -15.74
N ALA C 227 2.31 -17.13 -15.06
CA ALA C 227 1.96 -16.42 -13.84
C ALA C 227 1.59 -17.38 -12.71
N GLY C 228 2.10 -18.62 -12.75
CA GLY C 228 1.71 -19.64 -11.81
C GLY C 228 2.18 -19.41 -10.38
N TYR C 229 3.12 -18.49 -10.16
CA TYR C 229 3.60 -18.16 -8.83
C TYR C 229 3.11 -16.77 -8.39
N ILE C 230 2.09 -16.24 -9.04
CA ILE C 230 1.51 -14.94 -8.69
C ILE C 230 0.10 -15.20 -8.14
N THR C 231 -0.12 -14.85 -6.87
CA THR C 231 -1.47 -14.94 -6.32
C THR C 231 -1.68 -13.91 -5.23
N GLY C 232 -2.94 -13.51 -5.08
CA GLY C 232 -3.31 -12.49 -4.11
C GLY C 232 -2.82 -11.09 -4.43
N THR C 233 -2.51 -10.79 -5.70
CA THR C 233 -1.97 -9.47 -6.04
C THR C 233 -2.97 -8.65 -6.84
N VAL C 234 -2.67 -7.36 -6.97
CA VAL C 234 -3.37 -6.47 -7.88
C VAL C 234 -2.38 -6.08 -8.98
N LEU C 235 -2.74 -6.35 -10.24
CA LEU C 235 -1.95 -5.94 -11.39
C LEU C 235 -2.53 -4.62 -11.92
N HIS C 236 -1.79 -3.53 -11.73
CA HIS C 236 -2.25 -2.20 -12.09
C HIS C 236 -1.92 -1.93 -13.56
N VAL C 237 -2.94 -1.57 -14.34
CA VAL C 237 -2.75 -1.30 -15.77
C VAL C 237 -3.37 0.06 -16.04
N ASN C 238 -2.64 1.11 -15.69
CA ASN C 238 -3.23 2.45 -15.69
C ASN C 238 -2.30 3.50 -16.29
N GLY C 239 -1.21 3.09 -16.94
CA GLY C 239 -0.32 4.04 -17.59
C GLY C 239 0.39 4.99 -16.65
N GLY C 240 0.49 4.65 -15.37
CA GLY C 240 1.09 5.55 -14.40
C GLY C 240 0.14 6.57 -13.81
N LEU C 241 -1.17 6.47 -14.10
CA LEU C 241 -2.17 7.27 -13.38
C LEU C 241 -2.05 7.10 -11.87
N TYR C 242 -1.82 5.87 -11.41
CA TYR C 242 -1.63 5.55 -9.99
C TYR C 242 -0.47 4.58 -9.87
N MET C 243 0.50 4.89 -9.03
CA MET C 243 1.72 4.07 -8.91
C MET C 243 1.86 3.52 -7.50
N ALA C 244 1.88 2.19 -7.38
CA ALA C 244 2.13 1.55 -6.08
C ALA C 244 2.94 0.25 -6.20
N ARG D 5 -20.76 22.27 24.15
CA ARG D 5 -20.29 20.88 24.17
C ARG D 5 -20.77 20.09 22.95
N LYS D 6 -19.82 19.69 22.13
CA LYS D 6 -20.05 19.02 20.86
C LYS D 6 -20.48 17.58 21.10
N VAL D 7 -21.37 17.07 20.25
CA VAL D 7 -21.92 15.73 20.41
C VAL D 7 -21.11 14.74 19.56
N ALA D 8 -20.73 13.63 20.19
CA ALA D 8 -20.12 12.48 19.54
C ALA D 8 -21.07 11.29 19.61
N LEU D 9 -21.21 10.57 18.50
CA LEU D 9 -22.00 9.35 18.45
C LEU D 9 -21.06 8.16 18.27
N VAL D 10 -21.09 7.22 19.21
CA VAL D 10 -20.23 6.04 19.19
C VAL D 10 -21.14 4.82 19.13
N THR D 11 -21.14 4.10 18.01
CA THR D 11 -21.98 2.91 17.92
C THR D 11 -21.28 1.73 18.61
N GLY D 12 -22.09 0.83 19.17
CA GLY D 12 -21.56 -0.33 19.86
C GLY D 12 -20.67 -0.02 21.05
N ALA D 13 -21.15 0.83 21.97
CA ALA D 13 -20.33 1.35 23.05
C ALA D 13 -20.44 0.52 24.33
N SER D 14 -21.10 -0.63 24.30
CA SER D 14 -21.38 -1.34 25.55
C SER D 14 -20.09 -1.81 26.24
N ARG D 15 -19.14 -2.37 25.50
CA ARG D 15 -17.91 -2.98 26.03
C ARG D 15 -16.74 -2.90 25.05
N GLY D 16 -15.59 -3.37 25.52
CA GLY D 16 -14.42 -3.47 24.67
C GLY D 16 -14.03 -2.11 24.10
N ILE D 17 -13.70 -2.13 22.80
CA ILE D 17 -13.18 -0.95 22.13
C ILE D 17 -14.21 0.17 22.13
N GLY D 18 -15.47 -0.15 21.85
CA GLY D 18 -16.50 0.89 21.83
C GLY D 18 -16.66 1.59 23.17
N ALA D 19 -16.65 0.83 24.27
CA ALA D 19 -16.76 1.43 25.60
C ALA D 19 -15.57 2.32 25.90
N ALA D 20 -14.36 1.85 25.59
CA ALA D 20 -13.17 2.66 25.85
C ALA D 20 -13.19 3.95 25.03
N ILE D 21 -13.63 3.87 23.77
CA ILE D 21 -13.74 5.07 22.93
C ILE D 21 -14.71 6.06 23.57
N ALA D 22 -15.89 5.57 23.96
CA ALA D 22 -16.91 6.48 24.51
C ALA D 22 -16.42 7.15 25.79
N GLN D 23 -15.77 6.40 26.68
CA GLN D 23 -15.27 6.99 27.92
C GLN D 23 -14.16 8.00 27.63
N GLN D 24 -13.28 7.70 26.67
CA GLN D 24 -12.20 8.62 26.35
C GLN D 24 -12.74 9.92 25.75
N LEU D 25 -13.71 9.84 24.84
CA LEU D 25 -14.26 11.06 24.25
C LEU D 25 -14.98 11.90 25.31
N ILE D 26 -15.57 11.27 26.32
CA ILE D 26 -16.12 12.03 27.45
C ILE D 26 -15.00 12.78 28.18
N GLN D 27 -13.90 12.07 28.49
CA GLN D 27 -12.76 12.73 29.10
C GLN D 27 -12.25 13.89 28.26
N ASP D 28 -12.31 13.75 26.92
CA ASP D 28 -11.86 14.80 26.01
C ASP D 28 -12.78 16.01 25.99
N GLY D 29 -14.00 15.90 26.52
CA GLY D 29 -14.91 17.03 26.54
C GLY D 29 -16.12 16.91 25.64
N TYR D 30 -16.30 15.78 24.96
CA TYR D 30 -17.48 15.60 24.13
C TYR D 30 -18.65 15.12 24.99
N PHE D 31 -19.86 15.46 24.56
CA PHE D 31 -21.07 14.79 25.03
C PHE D 31 -21.26 13.54 24.17
N VAL D 32 -21.22 12.36 24.77
CA VAL D 32 -21.16 11.13 24.01
C VAL D 32 -22.50 10.42 24.07
N VAL D 33 -23.12 10.21 22.91
CA VAL D 33 -24.22 9.27 22.77
C VAL D 33 -23.61 7.94 22.34
N GLY D 34 -23.74 6.92 23.18
CA GLY D 34 -23.31 5.57 22.85
C GLY D 34 -24.52 4.71 22.54
N THR D 35 -24.37 3.76 21.61
CA THR D 35 -25.48 2.88 21.28
C THR D 35 -25.20 1.45 21.74
N ALA D 36 -26.28 0.75 22.09
CA ALA D 36 -26.27 -0.65 22.47
C ALA D 36 -27.32 -1.39 21.64
N THR D 37 -27.22 -2.71 21.66
CA THR D 37 -28.12 -3.54 20.87
C THR D 37 -29.50 -3.73 21.51
N SER D 38 -29.72 -3.26 22.73
CA SER D 38 -31.00 -3.46 23.41
C SER D 38 -31.29 -2.26 24.31
N GLU D 39 -32.56 -2.18 24.77
CA GLU D 39 -32.91 -1.07 25.67
C GLU D 39 -32.18 -1.17 27.00
N SER D 40 -32.08 -2.38 27.55
CA SER D 40 -31.38 -2.54 28.81
C SER D 40 -29.91 -2.20 28.66
N GLY D 41 -29.32 -2.56 27.53
CA GLY D 41 -27.95 -2.14 27.23
C GLY D 41 -27.82 -0.63 27.17
N ALA D 42 -28.79 0.03 26.52
CA ALA D 42 -28.75 1.49 26.43
C ALA D 42 -28.89 2.14 27.80
N GLN D 43 -29.76 1.59 28.66
CA GLN D 43 -29.90 2.15 30.00
C GLN D 43 -28.60 2.05 30.78
N LYS D 44 -27.86 0.95 30.62
CA LYS D 44 -26.56 0.81 31.28
C LYS D 44 -25.60 1.88 30.80
N LEU D 45 -25.65 2.22 29.51
CA LEU D 45 -24.81 3.30 29.00
C LEU D 45 -25.24 4.63 29.60
N THR D 46 -26.56 4.90 29.63
CA THR D 46 -27.07 6.11 30.26
C THR D 46 -26.58 6.23 31.69
N ASP D 47 -26.68 5.14 32.46
CA ASP D 47 -26.21 5.15 33.85
C ASP D 47 -24.72 5.49 33.92
N SER D 48 -23.93 4.87 33.06
CA SER D 48 -22.49 5.07 33.11
C SER D 48 -22.11 6.50 32.71
N PHE D 49 -22.76 7.08 31.69
CA PHE D 49 -22.30 8.37 31.19
C PHE D 49 -22.78 9.54 32.04
N GLY D 50 -23.92 9.39 32.73
CA GLY D 50 -24.45 10.48 33.52
C GLY D 50 -24.72 11.73 32.71
N GLU D 51 -24.35 12.88 33.30
CA GLU D 51 -24.44 14.23 32.74
C GLU D 51 -23.77 14.39 31.38
N GLN D 52 -22.79 13.54 31.06
CA GLN D 52 -21.93 13.79 29.92
C GLN D 52 -22.18 12.86 28.76
N GLY D 53 -23.27 12.12 28.79
CA GLY D 53 -23.68 11.38 27.62
C GLY D 53 -25.07 10.81 27.77
N ALA D 54 -25.40 9.91 26.85
CA ALA D 54 -26.69 9.22 26.84
C ALA D 54 -26.52 7.91 26.12
N GLY D 55 -27.35 6.93 26.47
CA GLY D 55 -27.38 5.64 25.81
C GLY D 55 -28.66 5.50 24.97
N LEU D 56 -28.52 4.93 23.78
CA LEU D 56 -29.69 4.66 22.92
C LEU D 56 -29.56 3.28 22.32
N ALA D 57 -30.69 2.62 22.13
CA ALA D 57 -30.69 1.32 21.48
C ALA D 57 -30.68 1.52 19.97
N LEU D 58 -29.88 0.71 19.27
CA LEU D 58 -29.75 0.87 17.82
C LEU D 58 -29.32 -0.45 17.22
N ASP D 59 -30.13 -0.96 16.29
CA ASP D 59 -29.73 -2.04 15.40
C ASP D 59 -29.18 -1.38 14.13
N VAL D 60 -27.86 -1.43 13.94
CA VAL D 60 -27.25 -0.71 12.81
C VAL D 60 -27.59 -1.32 11.45
N ARG D 61 -28.28 -2.47 11.42
CA ARG D 61 -28.76 -3.02 10.16
C ARG D 61 -30.02 -2.35 9.65
N ASN D 62 -30.60 -1.47 10.46
CA ASN D 62 -31.93 -0.89 10.27
C ASN D 62 -31.84 0.58 9.88
N LEU D 63 -32.16 0.92 8.63
CA LEU D 63 -32.12 2.32 8.22
C LEU D 63 -33.10 3.18 9.03
N ASP D 64 -34.32 2.67 9.28
CA ASP D 64 -35.30 3.43 10.05
C ASP D 64 -34.80 3.75 11.45
N GLU D 65 -34.11 2.81 12.09
CA GLU D 65 -33.58 3.07 13.44
C GLU D 65 -32.41 4.05 13.38
N ILE D 66 -31.53 3.91 12.38
CA ILE D 66 -30.45 4.88 12.20
C ILE D 66 -31.02 6.29 12.11
N GLU D 67 -32.04 6.47 11.28
CA GLU D 67 -32.63 7.79 11.12
C GLU D 67 -33.32 8.27 12.40
N ALA D 68 -34.04 7.39 13.08
CA ALA D 68 -34.70 7.77 14.32
C ALA D 68 -33.69 8.15 15.40
N VAL D 69 -32.56 7.42 15.47
CA VAL D 69 -31.57 7.72 16.49
C VAL D 69 -30.90 9.06 16.23
N VAL D 70 -30.48 9.32 14.99
CA VAL D 70 -29.80 10.58 14.74
C VAL D 70 -30.78 11.75 14.92
N SER D 71 -32.03 11.57 14.48
CA SER D 71 -33.03 12.63 14.67
C SER D 71 -33.23 12.91 16.15
N HIS D 72 -33.31 11.85 16.96
CA HIS D 72 -33.45 12.00 18.41
C HIS D 72 -32.28 12.78 19.00
N ILE D 73 -31.05 12.48 18.57
CA ILE D 73 -29.88 13.22 19.07
C ILE D 73 -29.98 14.69 18.67
N GLU D 74 -30.35 14.96 17.42
CA GLU D 74 -30.45 16.33 16.94
C GLU D 74 -31.49 17.11 17.74
N GLN D 75 -32.61 16.47 18.04
CA GLN D 75 -33.69 17.16 18.76
C GLN D 75 -33.36 17.43 20.22
N ASN D 76 -32.61 16.53 20.86
CA ASN D 76 -32.38 16.62 22.30
C ASN D 76 -31.00 17.12 22.71
N TYR D 77 -29.97 16.94 21.88
CA TYR D 77 -28.62 17.24 22.35
C TYR D 77 -27.86 18.18 21.43
N GLY D 78 -27.99 18.02 20.11
CA GLY D 78 -27.26 18.83 19.17
C GLY D 78 -26.85 18.01 17.96
N PRO D 79 -26.22 18.65 16.97
CA PRO D 79 -25.79 17.92 15.77
C PRO D 79 -24.67 16.95 16.10
N VAL D 80 -24.66 15.82 15.40
CA VAL D 80 -23.58 14.84 15.57
C VAL D 80 -22.35 15.40 14.85
N LEU D 81 -21.33 15.78 15.61
CA LEU D 81 -20.13 16.35 15.01
C LEU D 81 -18.93 15.41 15.03
N VAL D 82 -18.96 14.37 15.84
CA VAL D 82 -18.00 13.26 15.79
C VAL D 82 -18.79 11.96 15.68
N LEU D 83 -18.55 11.20 14.62
CA LEU D 83 -19.22 9.92 14.42
C LEU D 83 -18.16 8.84 14.44
N VAL D 84 -18.29 7.88 15.34
CA VAL D 84 -17.39 6.72 15.40
C VAL D 84 -18.20 5.48 15.03
N ASN D 85 -17.97 4.94 13.84
CA ASN D 85 -18.62 3.71 13.41
C ASN D 85 -17.83 2.51 13.93
N ASN D 86 -18.38 1.82 14.92
CA ASN D 86 -17.66 0.74 15.60
C ASN D 86 -18.47 -0.55 15.56
N ALA D 87 -17.98 -1.54 14.80
CA ALA D 87 -18.59 -2.86 14.78
C ALA D 87 -17.50 -3.90 14.82
N GLY D 88 -17.76 -4.99 15.53
CA GLY D 88 -16.79 -6.07 15.59
C GLY D 88 -17.32 -7.47 15.32
N ILE D 89 -18.61 -7.63 15.02
CA ILE D 89 -19.18 -8.97 14.84
C ILE D 89 -18.54 -9.66 13.63
N THR D 90 -18.27 -10.95 13.78
CA THR D 90 -17.70 -11.75 12.72
C THR D 90 -18.63 -12.94 12.43
N LYS D 91 -18.57 -13.42 11.17
CA LYS D 91 -19.21 -14.67 10.78
C LYS D 91 -18.23 -15.38 9.84
N ASP D 92 -17.10 -15.81 10.42
CA ASP D 92 -16.02 -16.44 9.68
C ASP D 92 -16.44 -17.80 9.12
N ASN D 93 -15.85 -18.17 7.99
CA ASN D 93 -16.04 -19.47 7.34
C ASN D 93 -15.17 -19.52 6.09
N LEU D 94 -14.53 -20.66 5.80
CA LEU D 94 -13.99 -20.88 4.47
C LEU D 94 -15.08 -20.65 3.42
N LEU D 95 -14.68 -20.19 2.23
CA LEU D 95 -15.66 -19.73 1.25
C LEU D 95 -16.73 -20.78 0.94
N LEU D 96 -16.29 -22.06 0.86
CA LEU D 96 -17.09 -23.26 0.72
C LEU D 96 -18.29 -23.29 1.64
N ARG D 97 -18.13 -22.77 2.86
CA ARG D 97 -19.10 -22.85 3.94
C ARG D 97 -19.68 -21.49 4.29
N MET D 98 -19.34 -20.44 3.54
CA MET D 98 -19.81 -19.10 3.86
C MET D 98 -21.14 -18.85 3.15
N SER D 99 -22.22 -18.79 3.94
CA SER D 99 -23.55 -18.70 3.37
C SER D 99 -23.85 -17.29 2.88
N GLU D 100 -24.91 -17.18 2.08
CA GLU D 100 -25.44 -15.88 1.70
C GLU D 100 -25.68 -15.01 2.93
N ASP D 101 -26.24 -15.59 4.01
CA ASP D 101 -26.55 -14.76 5.18
C ASP D 101 -25.27 -14.34 5.88
N ASP D 102 -24.26 -15.23 5.96
CA ASP D 102 -22.99 -14.86 6.56
C ASP D 102 -22.34 -13.71 5.80
N TRP D 103 -22.41 -13.75 4.48
CA TRP D 103 -21.90 -12.64 3.67
C TRP D 103 -22.71 -11.38 3.90
N ASP D 104 -24.04 -11.47 3.70
CA ASP D 104 -24.86 -10.27 3.68
C ASP D 104 -24.87 -9.57 5.02
N ASP D 105 -24.94 -10.34 6.11
CA ASP D 105 -25.08 -9.73 7.43
C ASP D 105 -23.81 -8.95 7.80
N ILE D 106 -22.64 -9.51 7.52
CA ILE D 106 -21.39 -8.83 7.83
C ILE D 106 -21.22 -7.57 6.98
N LEU D 107 -21.53 -7.66 5.68
CA LEU D 107 -21.44 -6.46 4.84
C LEU D 107 -22.43 -5.39 5.28
N ASN D 108 -23.60 -5.78 5.78
CA ASN D 108 -24.61 -4.81 6.21
C ASN D 108 -24.22 -4.15 7.53
N ILE D 109 -23.78 -4.94 8.51
CA ILE D 109 -23.45 -4.43 9.84
C ILE D 109 -22.24 -3.51 9.78
N HIS D 110 -21.23 -3.89 9.00
CA HIS D 110 -19.97 -3.14 8.94
C HIS D 110 -20.02 -2.03 7.89
N LEU D 111 -20.18 -2.40 6.61
CA LEU D 111 -20.00 -1.43 5.53
C LEU D 111 -21.27 -0.61 5.25
N LYS D 112 -22.43 -1.26 5.11
CA LYS D 112 -23.65 -0.50 4.84
C LYS D 112 -23.93 0.50 5.96
N ALA D 113 -23.70 0.10 7.22
CA ALA D 113 -23.92 0.99 8.35
C ALA D 113 -23.03 2.24 8.25
N VAL D 114 -21.78 2.07 7.83
CA VAL D 114 -20.90 3.23 7.65
C VAL D 114 -21.45 4.16 6.57
N TYR D 115 -21.91 3.60 5.46
CA TYR D 115 -22.54 4.42 4.42
C TYR D 115 -23.76 5.17 4.97
N ARG D 116 -24.65 4.47 5.68
CA ARG D 116 -25.91 5.08 6.10
C ARG D 116 -25.70 6.15 7.17
N LEU D 117 -24.88 5.87 8.18
CA LEU D 117 -24.67 6.81 9.26
C LEU D 117 -23.84 8.01 8.81
N SER D 118 -22.81 7.78 7.98
CA SER D 118 -22.04 8.89 7.44
C SER D 118 -22.93 9.83 6.64
N LYS D 119 -23.75 9.26 5.76
CA LYS D 119 -24.67 10.07 4.96
C LYS D 119 -25.56 10.91 5.86
N ARG D 120 -26.06 10.32 6.94
CA ARG D 120 -27.06 10.97 7.78
C ARG D 120 -26.47 12.11 8.62
N VAL D 121 -25.17 12.11 8.92
CA VAL D 121 -24.59 13.18 9.74
C VAL D 121 -23.96 14.30 8.91
N LEU D 122 -23.95 14.20 7.57
CA LEU D 122 -23.20 15.16 6.75
C LEU D 122 -23.74 16.58 6.88
N LYS D 123 -25.07 16.73 6.94
CA LYS D 123 -25.70 18.04 6.98
C LYS D 123 -25.22 18.86 8.17
N GLY D 124 -25.27 18.26 9.37
CA GLY D 124 -24.90 18.99 10.57
C GLY D 124 -23.43 19.34 10.61
N MET D 125 -22.57 18.43 10.13
CA MET D 125 -21.14 18.73 10.04
C MET D 125 -20.88 19.84 9.02
N THR D 126 -21.55 19.76 7.86
CA THR D 126 -21.41 20.79 6.84
C THR D 126 -21.80 22.16 7.38
N LYS D 127 -22.93 22.22 8.10
CA LYS D 127 -23.39 23.49 8.65
C LYS D 127 -22.43 24.01 9.72
N ALA D 128 -21.85 23.13 10.52
CA ALA D 128 -20.92 23.55 11.56
C ALA D 128 -19.53 23.88 11.03
N ARG D 129 -19.21 23.63 9.78
CA ARG D 129 -17.84 23.84 9.36
C ARG D 129 -16.88 23.02 10.24
N PHE D 130 -17.31 21.84 10.69
CA PHE D 130 -16.46 20.99 11.53
C PHE D 130 -17.03 19.59 11.51
N GLY D 131 -16.15 18.59 11.44
CA GLY D 131 -16.64 17.23 11.52
C GLY D 131 -15.52 16.22 11.62
N ARG D 132 -15.80 15.10 12.29
CA ARG D 132 -14.89 13.97 12.39
C ARG D 132 -15.71 12.72 12.14
N ILE D 133 -15.41 11.99 11.07
CA ILE D 133 -15.96 10.65 10.90
C ILE D 133 -14.78 9.70 11.05
N ILE D 134 -14.90 8.78 12.00
CA ILE D 134 -13.80 7.87 12.36
C ILE D 134 -14.36 6.45 12.32
N ASN D 135 -13.88 5.66 11.36
CA ASN D 135 -14.40 4.32 11.12
C ASN D 135 -13.45 3.27 11.70
N ILE D 136 -13.98 2.34 12.50
CA ILE D 136 -13.16 1.25 13.02
C ILE D 136 -13.07 0.19 11.92
N SER D 137 -11.87 0.06 11.34
CA SER D 137 -11.58 -0.94 10.33
C SER D 137 -10.95 -2.15 11.00
N SER D 138 -9.95 -2.77 10.37
CA SER D 138 -9.24 -3.90 10.96
C SER D 138 -7.95 -4.14 10.19
N VAL D 139 -6.95 -4.68 10.90
CA VAL D 139 -5.75 -5.19 10.25
C VAL D 139 -6.09 -6.17 9.13
N VAL D 140 -7.22 -6.87 9.26
CA VAL D 140 -7.64 -7.90 8.32
C VAL D 140 -7.96 -7.36 6.93
N ALA D 141 -8.27 -6.05 6.80
CA ALA D 141 -8.46 -5.47 5.49
C ALA D 141 -7.18 -5.47 4.65
N HIS D 142 -6.04 -5.65 5.30
CA HIS D 142 -4.73 -5.62 4.67
C HIS D 142 -3.93 -6.90 4.84
N PHE D 143 -4.04 -7.55 5.99
CA PHE D 143 -3.32 -8.78 6.32
C PHE D 143 -4.29 -9.94 6.14
N ALA D 144 -4.19 -10.61 5.00
CA ALA D 144 -5.15 -11.63 4.62
C ALA D 144 -5.01 -12.89 5.47
N ASN D 145 -6.12 -13.46 5.90
CA ASN D 145 -6.09 -14.85 6.29
C ASN D 145 -7.37 -15.56 5.89
N PRO D 146 -7.30 -16.87 5.78
CA PRO D 146 -8.43 -17.63 5.26
C PRO D 146 -9.61 -17.56 6.21
N GLY D 147 -10.81 -17.71 5.64
CA GLY D 147 -12.03 -17.75 6.43
C GLY D 147 -12.64 -16.42 6.80
N GLN D 148 -12.02 -15.31 6.43
CA GLN D 148 -12.55 -13.97 6.73
C GLN D 148 -12.90 -13.15 5.50
N ALA D 149 -13.27 -13.78 4.38
CA ALA D 149 -13.43 -12.99 3.15
C ALA D 149 -14.50 -11.90 3.33
N ASN D 150 -15.57 -12.19 4.09
CA ASN D 150 -16.64 -11.20 4.23
C ASN D 150 -16.20 -10.03 5.11
N TYR D 151 -15.58 -10.32 6.25
CA TYR D 151 -15.12 -9.27 7.15
C TYR D 151 -14.04 -8.41 6.49
N SER D 152 -13.09 -9.06 5.83
CA SER D 152 -12.01 -8.36 5.14
C SER D 152 -12.57 -7.48 4.03
N ALA D 153 -13.50 -7.99 3.22
CA ALA D 153 -14.07 -7.18 2.15
C ALA D 153 -14.83 -5.97 2.72
N ALA D 154 -15.57 -6.19 3.81
CA ALA D 154 -16.32 -5.08 4.41
C ALA D 154 -15.37 -4.01 4.95
N LYS D 155 -14.31 -4.40 5.66
CA LYS D 155 -13.40 -3.42 6.24
C LYS D 155 -12.63 -2.66 5.15
N ALA D 156 -12.17 -3.37 4.10
CA ALA D 156 -11.51 -2.69 3.00
C ALA D 156 -12.45 -1.74 2.28
N GLY D 157 -13.71 -2.16 2.12
CA GLY D 157 -14.71 -1.26 1.55
C GLY D 157 -14.89 -0.01 2.38
N ILE D 158 -14.89 -0.15 3.71
CA ILE D 158 -14.98 1.00 4.60
C ILE D 158 -13.83 1.97 4.36
N GLU D 159 -12.61 1.45 4.20
CA GLU D 159 -11.46 2.33 4.02
C GLU D 159 -11.54 3.06 2.70
N ALA D 160 -11.98 2.38 1.64
CA ALA D 160 -12.14 3.04 0.33
C ALA D 160 -13.29 4.05 0.36
N PHE D 161 -14.42 3.68 0.97
CA PHE D 161 -15.51 4.62 1.20
C PHE D 161 -15.00 5.90 1.86
N SER D 162 -14.19 5.73 2.91
CA SER D 162 -13.67 6.87 3.67
C SER D 162 -12.83 7.79 2.80
N ARG D 163 -12.01 7.22 1.91
CA ARG D 163 -11.20 8.04 1.02
C ARG D 163 -12.07 8.87 0.09
N SER D 164 -13.08 8.24 -0.50
CA SER D 164 -13.97 8.98 -1.39
CA SER D 164 -13.96 9.00 -1.39
C SER D 164 -14.67 10.10 -0.63
N LEU D 165 -15.22 9.79 0.55
CA LEU D 165 -15.94 10.81 1.32
C LEU D 165 -14.99 11.90 1.82
N ALA D 166 -13.75 11.53 2.18
CA ALA D 166 -12.76 12.56 2.55
C ALA D 166 -12.56 13.57 1.43
N LYS D 167 -12.50 13.09 0.18
CA LYS D 167 -12.38 14.02 -0.95
C LYS D 167 -13.61 14.93 -1.05
N GLU D 168 -14.80 14.36 -0.90
CA GLU D 168 -16.04 15.15 -0.99
C GLU D 168 -16.13 16.22 0.09
N MET D 169 -15.78 15.91 1.32
CA MET D 169 -16.03 16.80 2.44
C MET D 169 -14.83 17.65 2.83
N GLY D 170 -13.67 17.46 2.18
CA GLY D 170 -12.46 18.11 2.62
C GLY D 170 -12.53 19.65 2.61
N SER D 171 -13.16 20.22 1.58
CA SER D 171 -13.17 21.69 1.51
C SER D 171 -13.90 22.31 2.69
N ARG D 172 -14.79 21.58 3.34
CA ARG D 172 -15.50 22.11 4.47
C ARG D 172 -14.82 21.76 5.79
N GLN D 173 -13.64 21.17 5.73
CA GLN D 173 -12.75 20.90 6.87
C GLN D 173 -13.19 19.69 7.69
N ILE D 174 -14.14 18.90 7.19
CA ILE D 174 -14.56 17.65 7.82
C ILE D 174 -13.56 16.55 7.45
N THR D 175 -13.02 15.84 8.45
CA THR D 175 -12.07 14.77 8.15
C THR D 175 -12.75 13.42 8.30
N VAL D 176 -12.30 12.47 7.47
CA VAL D 176 -12.86 11.12 7.42
C VAL D 176 -11.66 10.17 7.43
N ASN D 177 -11.54 9.37 8.49
CA ASN D 177 -10.39 8.50 8.68
C ASN D 177 -10.85 7.15 9.21
N SER D 178 -9.95 6.17 9.14
CA SER D 178 -10.18 4.87 9.74
C SER D 178 -9.09 4.56 10.76
N VAL D 179 -9.45 3.81 11.80
CA VAL D 179 -8.50 3.22 12.73
C VAL D 179 -8.58 1.70 12.57
N ALA D 180 -7.42 1.06 12.35
CA ALA D 180 -7.39 -0.38 12.06
C ALA D 180 -6.75 -1.12 13.22
N PRO D 181 -7.52 -1.68 14.15
CA PRO D 181 -6.92 -2.45 15.25
C PRO D 181 -6.31 -3.75 14.77
N GLY D 182 -5.26 -4.18 15.47
CA GLY D 182 -4.75 -5.53 15.32
C GLY D 182 -5.43 -6.50 16.26
N PHE D 183 -4.64 -7.35 16.92
CA PHE D 183 -5.13 -8.27 17.97
C PHE D 183 -5.30 -7.49 19.26
N ILE D 184 -6.55 -7.22 19.65
CA ILE D 184 -6.86 -6.44 20.85
C ILE D 184 -7.51 -7.39 21.86
N ALA D 185 -7.04 -7.36 23.10
CA ALA D 185 -7.59 -8.25 24.12
C ALA D 185 -9.03 -7.86 24.44
N THR D 186 -9.90 -8.86 24.46
CA THR D 186 -11.32 -8.65 24.72
C THR D 186 -11.79 -9.73 25.69
N GLU D 187 -13.06 -9.62 26.11
CA GLU D 187 -13.65 -10.70 26.89
C GLU D 187 -13.52 -12.03 26.15
N MET D 188 -13.61 -11.97 24.82
CA MET D 188 -13.57 -13.14 23.94
C MET D 188 -12.16 -13.74 23.84
N THR D 189 -11.10 -12.92 23.74
CA THR D 189 -9.73 -13.44 23.74
C THR D 189 -9.31 -13.89 25.15
N ASP D 190 -9.89 -13.29 26.19
CA ASP D 190 -9.68 -13.81 27.54
C ASP D 190 -10.15 -15.26 27.64
N ALA D 191 -11.22 -15.60 26.92
CA ALA D 191 -11.80 -16.94 26.94
C ALA D 191 -10.99 -17.95 26.13
N LEU D 192 -10.16 -17.50 25.20
CA LEU D 192 -9.36 -18.42 24.42
C LEU D 192 -8.32 -19.11 25.31
N SER D 193 -7.75 -20.18 24.78
CA SER D 193 -6.61 -20.79 25.44
C SER D 193 -5.36 -19.94 25.27
N GLU D 194 -4.74 -19.65 26.42
CA GLU D 194 -3.31 -19.56 26.71
C GLU D 194 -2.39 -19.88 25.53
N ASP D 195 -2.67 -20.93 24.76
CA ASP D 195 -1.78 -21.34 23.67
C ASP D 195 -2.14 -20.62 22.40
N ILE D 196 -3.44 -20.57 22.11
CA ILE D 196 -3.98 -19.85 20.97
C ILE D 196 -3.65 -18.36 21.08
N ARG D 197 -3.74 -17.81 22.29
CA ARG D 197 -3.42 -16.41 22.50
C ARG D 197 -1.92 -16.14 22.34
N LYS D 198 -1.11 -17.15 22.55
CA LYS D 198 0.34 -16.98 22.43
C LYS D 198 0.71 -16.96 20.97
N LYS D 199 0.02 -17.81 20.22
CA LYS D 199 0.05 -17.91 18.77
C LYS D 199 -0.38 -16.62 18.09
N MET D 200 -1.13 -15.76 18.80
CA MET D 200 -1.44 -14.40 18.37
C MET D 200 -0.29 -13.44 18.69
N SER D 201 0.11 -13.36 19.96
CA SER D 201 1.12 -12.36 20.34
C SER D 201 2.48 -12.63 19.70
N ASP D 202 2.79 -13.87 19.32
CA ASP D 202 4.07 -14.13 18.68
C ASP D 202 4.16 -13.54 17.27
N GLN D 203 3.01 -13.19 16.66
CA GLN D 203 3.00 -12.49 15.38
C GLN D 203 3.15 -10.97 15.54
N VAL D 204 3.02 -10.46 16.75
CA VAL D 204 3.05 -9.02 17.02
C VAL D 204 4.49 -8.64 17.36
N ALA D 205 5.03 -7.60 16.70
CA ALA D 205 6.39 -7.17 17.01
C ALA D 205 6.54 -6.78 18.49
N LEU D 206 5.53 -6.11 19.06
CA LEU D 206 5.59 -5.75 20.47
C LEU D 206 5.30 -6.95 21.39
N ASN D 207 4.98 -8.11 20.83
CA ASN D 207 4.94 -9.37 21.58
C ASN D 207 3.85 -9.39 22.65
N ARG D 208 2.69 -8.81 22.34
CA ARG D 208 1.57 -8.78 23.28
C ARG D 208 0.33 -8.38 22.51
N LEU D 209 -0.83 -8.77 23.04
CA LEU D 209 -2.10 -8.24 22.56
C LEU D 209 -2.25 -6.80 22.99
N GLY D 210 -2.95 -6.01 22.17
CA GLY D 210 -3.28 -4.65 22.54
C GLY D 210 -4.44 -4.61 23.53
N GLU D 211 -4.79 -3.39 23.95
CA GLU D 211 -5.90 -3.14 24.85
C GLU D 211 -6.91 -2.20 24.20
N PRO D 212 -8.19 -2.27 24.59
CA PRO D 212 -9.18 -1.31 24.04
C PRO D 212 -8.76 0.14 24.16
N GLN D 213 -8.08 0.52 25.26
CA GLN D 213 -7.63 1.90 25.43
C GLN D 213 -6.66 2.33 24.33
N ASP D 214 -5.85 1.40 23.79
CA ASP D 214 -4.97 1.74 22.67
C ASP D 214 -5.77 2.24 21.47
N ILE D 215 -6.93 1.61 21.19
CA ILE D 215 -7.77 2.07 20.09
C ILE D 215 -8.45 3.38 20.46
N ALA D 216 -8.92 3.49 21.71
CA ALA D 216 -9.52 4.75 22.16
C ALA D 216 -8.55 5.91 22.07
N ASN D 217 -7.26 5.66 22.36
CA ASN D 217 -6.25 6.72 22.25
C ASN D 217 -6.14 7.21 20.81
N ALA D 218 -6.14 6.28 19.85
CA ALA D 218 -6.02 6.65 18.45
C ALA D 218 -7.26 7.42 17.96
N VAL D 219 -8.45 6.97 18.38
CA VAL D 219 -9.69 7.67 18.01
C VAL D 219 -9.71 9.06 18.62
N SER D 220 -9.33 9.16 19.90
CA SER D 220 -9.26 10.44 20.59
C SER D 220 -8.32 11.41 19.86
N PHE D 221 -7.15 10.92 19.42
CA PHE D 221 -6.23 11.76 18.66
C PHE D 221 -6.90 12.28 17.39
N LEU D 222 -7.49 11.38 16.60
CA LEU D 222 -8.09 11.80 15.33
C LEU D 222 -9.27 12.75 15.54
N ALA D 223 -10.03 12.56 16.62
CA ALA D 223 -11.18 13.42 16.90
C ALA D 223 -10.80 14.80 17.42
N SER D 224 -9.53 15.03 17.73
CA SER D 224 -9.10 16.27 18.37
C SER D 224 -8.58 17.29 17.35
N ASP D 225 -8.32 18.51 17.84
CA ASP D 225 -7.68 19.53 17.02
C ASP D 225 -6.18 19.25 16.77
N LYS D 226 -5.61 18.19 17.33
CA LYS D 226 -4.24 17.79 16.99
C LYS D 226 -4.17 17.00 15.67
N ALA D 227 -5.31 16.65 15.07
CA ALA D 227 -5.34 15.85 13.86
C ALA D 227 -6.12 16.54 12.74
N GLY D 228 -6.20 17.86 12.78
CA GLY D 228 -7.03 18.61 11.84
C GLY D 228 -6.54 18.59 10.41
N TYR D 229 -5.29 18.19 10.17
CA TYR D 229 -4.75 18.10 8.82
C TYR D 229 -4.57 16.64 8.39
N ILE D 230 -5.24 15.71 9.06
CA ILE D 230 -5.20 14.29 8.72
C ILE D 230 -6.58 13.88 8.20
N THR D 231 -6.65 13.47 6.93
CA THR D 231 -7.91 12.95 6.41
C THR D 231 -7.67 11.93 5.32
N GLY D 232 -8.61 11.00 5.19
CA GLY D 232 -8.51 9.92 4.23
C GLY D 232 -7.44 8.89 4.54
N THR D 233 -7.01 8.76 5.80
CA THR D 233 -5.93 7.83 6.12
C THR D 233 -6.45 6.65 6.94
N VAL D 234 -5.59 5.63 7.05
CA VAL D 234 -5.81 4.52 7.99
C VAL D 234 -4.73 4.61 9.06
N LEU D 235 -5.15 4.71 10.31
CA LEU D 235 -4.23 4.70 11.46
C LEU D 235 -4.15 3.27 11.99
N HIS D 236 -3.01 2.62 11.78
CA HIS D 236 -2.82 1.23 12.15
C HIS D 236 -2.37 1.13 13.61
N VAL D 237 -3.11 0.37 14.41
CA VAL D 237 -2.80 0.23 15.83
C VAL D 237 -2.74 -1.27 16.11
N ASN D 238 -1.62 -1.89 15.73
CA ASN D 238 -1.55 -3.35 15.75
C ASN D 238 -0.24 -3.87 16.32
N GLY D 239 0.57 -3.02 16.95
CA GLY D 239 1.80 -3.47 17.57
C GLY D 239 2.84 -4.01 16.62
N GLY D 240 2.75 -3.66 15.35
CA GLY D 240 3.66 -4.22 14.37
C GLY D 240 3.25 -5.56 13.79
N LEU D 241 2.04 -6.05 14.10
CA LEU D 241 1.48 -7.21 13.40
C LEU D 241 1.48 -7.02 11.89
N TYR D 242 1.15 -5.82 11.43
CA TYR D 242 1.13 -5.46 10.00
C TYR D 242 1.74 -4.07 9.87
N MET D 243 2.74 -3.92 9.00
CA MET D 243 3.45 -2.65 8.86
C MET D 243 3.31 -2.10 7.45
N ALA D 244 2.73 -0.91 7.33
CA ALA D 244 2.64 -0.22 6.03
C ALA D 244 2.79 1.30 6.15
#